data_2MIW
# 
_entry.id   2MIW 
# 
_audit_conform.dict_name       mmcif_pdbx.dic 
_audit_conform.dict_version    5.391 
_audit_conform.dict_location   http://mmcif.pdb.org/dictionaries/ascii/mmcif_pdbx.dic 
# 
loop_
_database_2.database_id 
_database_2.database_code 
_database_2.pdbx_database_accession 
_database_2.pdbx_DOI 
PDB   2MIW         pdb_00002miw 10.2210/pdb2miw/pdb 
RCSB  RCSB103666   ?            ?                   
BMRB  19696        ?            10.13018/BMR19696   
WWPDB D_1000103666 ?            ?                   
# 
loop_
_pdbx_audit_revision_history.ordinal 
_pdbx_audit_revision_history.data_content_type 
_pdbx_audit_revision_history.major_revision 
_pdbx_audit_revision_history.minor_revision 
_pdbx_audit_revision_history.revision_date 
1 'Structure model' 1 0 2014-04-02 
2 'Structure model' 1 1 2014-04-09 
3 'Structure model' 1 2 2024-05-01 
# 
_pdbx_audit_revision_details.ordinal             1 
_pdbx_audit_revision_details.revision_ordinal    1 
_pdbx_audit_revision_details.data_content_type   'Structure model' 
_pdbx_audit_revision_details.provider            repository 
_pdbx_audit_revision_details.type                'Initial release' 
_pdbx_audit_revision_details.description         ? 
_pdbx_audit_revision_details.details             ? 
# 
loop_
_pdbx_audit_revision_group.ordinal 
_pdbx_audit_revision_group.revision_ordinal 
_pdbx_audit_revision_group.data_content_type 
_pdbx_audit_revision_group.group 
1 2 'Structure model' 'Database references'  
2 3 'Structure model' 'Data collection'      
3 3 'Structure model' 'Database references'  
4 3 'Structure model' 'Derived calculations' 
# 
loop_
_pdbx_audit_revision_category.ordinal 
_pdbx_audit_revision_category.revision_ordinal 
_pdbx_audit_revision_category.data_content_type 
_pdbx_audit_revision_category.category 
1 3 'Structure model' chem_comp_atom        
2 3 'Structure model' chem_comp_bond        
3 3 'Structure model' database_2            
4 3 'Structure model' pdbx_nmr_software     
5 3 'Structure model' pdbx_nmr_spectrometer 
6 3 'Structure model' struct_conn           
7 3 'Structure model' struct_site           
# 
loop_
_pdbx_audit_revision_item.ordinal 
_pdbx_audit_revision_item.revision_ordinal 
_pdbx_audit_revision_item.data_content_type 
_pdbx_audit_revision_item.item 
1  3 'Structure model' '_database_2.pdbx_DOI'                
2  3 'Structure model' '_database_2.pdbx_database_accession' 
3  3 'Structure model' '_pdbx_nmr_software.name'             
4  3 'Structure model' '_pdbx_nmr_spectrometer.model'        
5  3 'Structure model' '_struct_conn.pdbx_leaving_atom_flag' 
6  3 'Structure model' '_struct_conn.ptnr1_auth_comp_id'     
7  3 'Structure model' '_struct_conn.ptnr1_auth_seq_id'      
8  3 'Structure model' '_struct_conn.ptnr1_label_asym_id'    
9  3 'Structure model' '_struct_conn.ptnr1_label_atom_id'    
10 3 'Structure model' '_struct_conn.ptnr1_label_comp_id'    
11 3 'Structure model' '_struct_conn.ptnr1_label_seq_id'     
12 3 'Structure model' '_struct_conn.ptnr2_auth_comp_id'     
13 3 'Structure model' '_struct_conn.ptnr2_auth_seq_id'      
14 3 'Structure model' '_struct_conn.ptnr2_label_asym_id'    
15 3 'Structure model' '_struct_conn.ptnr2_label_atom_id'    
16 3 'Structure model' '_struct_conn.ptnr2_label_comp_id'    
17 3 'Structure model' '_struct_conn.ptnr2_label_seq_id'     
18 3 'Structure model' '_struct_site.pdbx_auth_asym_id'      
19 3 'Structure model' '_struct_site.pdbx_auth_comp_id'      
20 3 'Structure model' '_struct_site.pdbx_auth_seq_id'       
# 
_pdbx_database_status.deposit_site                    BMRB 
_pdbx_database_status.entry_id                        2MIW 
_pdbx_database_status.process_site                    RCSB 
_pdbx_database_status.recvd_initial_deposition_date   2013-12-20 
_pdbx_database_status.SG_entry                        ? 
_pdbx_database_status.status_code                     REL 
_pdbx_database_status.status_code_mr                  REL 
_pdbx_database_status.status_code_sf                  ? 
_pdbx_database_status.status_code_cs                  REL 
_pdbx_database_status.methods_development_category    ? 
_pdbx_database_status.pdb_format_compatible           Y 
_pdbx_database_status.status_code_nmr_data            ? 
# 
loop_
_pdbx_database_related.db_id 
_pdbx_database_related.db_name 
_pdbx_database_related.content_type 
_pdbx_database_related.details 
19696 BMRB unspecified . 
2MIV  PDB  unspecified . 
# 
loop_
_audit_author.name 
_audit_author.pdbx_ordinal 
'Rodriguez, F.A.'  1  
'Liu, Z.'          2  
'Lin, C.H.'        3  
'Ding, S.'         4  
'Cai, Y.'          5  
'Kolbanovskiy, A.' 6  
'Kolbanovskiy, M.' 7  
'Amin, S.'         8  
'Broyde, S.'       9  
'Geacintov, N.E.'  10 
# 
_citation.id                        primary 
_citation.title                     
;Nuclear Magnetic Resonance Studies of an N(2)-Guanine Adduct Derived from the Tumorigen Dibenzo[a,l]pyrene in DNA: Impact of Adduct Stereochemistry, Size, and Local DNA Sequence on Solution Conformations.
;
_citation.journal_abbrev            Biochemistry 
_citation.journal_volume            53 
_citation.page_first                1827 
_citation.page_last                 1841 
_citation.year                      2014 
_citation.journal_id_ASTM           BICHAW 
_citation.country                   US 
_citation.journal_id_ISSN           0006-2960 
_citation.journal_id_CSD            0033 
_citation.book_publisher            ? 
_citation.pdbx_database_id_PubMed   24617538 
_citation.pdbx_database_id_DOI      10.1021/bi4017044 
# 
loop_
_citation_author.citation_id 
_citation_author.name 
_citation_author.ordinal 
_citation_author.identifier_ORCID 
primary 'Rodriguez, F.A.'  1  ? 
primary 'Liu, Z.'          2  ? 
primary 'Lin, C.H.'        3  ? 
primary 'Ding, S.'         4  ? 
primary 'Cai, Y.'          5  ? 
primary 'Kolbanovskiy, A.' 6  ? 
primary 'Kolbanovskiy, M.' 7  ? 
primary 'Amin, S.'         8  ? 
primary 'Broyde, S.'       9  ? 
primary 'Geacintov, N.E.'  10 ? 
# 
loop_
_entity.id 
_entity.type 
_entity.src_method 
_entity.pdbx_description 
_entity.formula_weight 
_entity.pdbx_number_of_molecules 
_entity.pdbx_ec 
_entity.pdbx_mutation 
_entity.pdbx_fragment 
_entity.details 
1 polymer     syn "DNA_(5'-D(*CP*CP*AP*TP*CP*GP*CP*TP*AP*CP*C)-3')"                                   3254.138 1 ? ? ? ? 
2 polymer     syn "DNA_(5'-D(*GP*GP*TP*AP*GP*CP*GP*AP*TP*GP*G)-3')"                                   3454.258 1 ? ? ? ? 
3 non-polymer syn '(11R,12R,13R)-11,12,13,14-tetrahydronaphtho[1,2,3,4-pqr]tetraphene-11,12,13-triol' 354.398  1 ? ? ? ? 
# 
loop_
_entity_poly.entity_id 
_entity_poly.type 
_entity_poly.nstd_linkage 
_entity_poly.nstd_monomer 
_entity_poly.pdbx_seq_one_letter_code 
_entity_poly.pdbx_seq_one_letter_code_can 
_entity_poly.pdbx_strand_id 
_entity_poly.pdbx_target_identifier 
1 polydeoxyribonucleotide no no '(DC)(DC)(DA)(DT)(DC)(DG)(DC)(DT)(DA)(DC)(DC)' CCATCGCTACC A ? 
2 polydeoxyribonucleotide no no '(DG)(DG)(DT)(DA)(DG)(DC)(DG)(DA)(DT)(DG)(DG)' GGTAGCGATGG B ? 
# 
_pdbx_entity_nonpoly.entity_id   3 
_pdbx_entity_nonpoly.name        '(11R,12R,13R)-11,12,13,14-tetrahydronaphtho[1,2,3,4-pqr]tetraphene-11,12,13-triol' 
_pdbx_entity_nonpoly.comp_id     2QL 
# 
loop_
_entity_poly_seq.entity_id 
_entity_poly_seq.num 
_entity_poly_seq.mon_id 
_entity_poly_seq.hetero 
1 1  DC n 
1 2  DC n 
1 3  DA n 
1 4  DT n 
1 5  DC n 
1 6  DG n 
1 7  DC n 
1 8  DT n 
1 9  DA n 
1 10 DC n 
1 11 DC n 
2 1  DG n 
2 2  DG n 
2 3  DT n 
2 4  DA n 
2 5  DG n 
2 6  DC n 
2 7  DG n 
2 8  DA n 
2 9  DT n 
2 10 DG n 
2 11 DG n 
# 
loop_
_chem_comp.id 
_chem_comp.type 
_chem_comp.mon_nstd_flag 
_chem_comp.name 
_chem_comp.pdbx_synonyms 
_chem_comp.formula 
_chem_comp.formula_weight 
2QL non-polymer   . '(11R,12R,13R)-11,12,13,14-tetrahydronaphtho[1,2,3,4-pqr]tetraphene-11,12,13-triol' ? 'C24 H18 O3'      
354.398 
DA  'DNA linking' y "2'-DEOXYADENOSINE-5'-MONOPHOSPHATE"                                                ? 'C10 H14 N5 O6 P' 
331.222 
DC  'DNA linking' y "2'-DEOXYCYTIDINE-5'-MONOPHOSPHATE"                                                 ? 'C9 H14 N3 O7 P'  
307.197 
DG  'DNA linking' y "2'-DEOXYGUANOSINE-5'-MONOPHOSPHATE"                                                ? 'C10 H14 N5 O7 P' 
347.221 
DT  'DNA linking' y "THYMIDINE-5'-MONOPHOSPHATE"                                                        ? 'C10 H15 N2 O8 P' 
322.208 
# 
loop_
_pdbx_poly_seq_scheme.asym_id 
_pdbx_poly_seq_scheme.entity_id 
_pdbx_poly_seq_scheme.seq_id 
_pdbx_poly_seq_scheme.mon_id 
_pdbx_poly_seq_scheme.ndb_seq_num 
_pdbx_poly_seq_scheme.pdb_seq_num 
_pdbx_poly_seq_scheme.auth_seq_num 
_pdbx_poly_seq_scheme.pdb_mon_id 
_pdbx_poly_seq_scheme.auth_mon_id 
_pdbx_poly_seq_scheme.pdb_strand_id 
_pdbx_poly_seq_scheme.pdb_ins_code 
_pdbx_poly_seq_scheme.hetero 
A 1 1  DC 1  1  1  DC DC A . n 
A 1 2  DC 2  2  2  DC DC A . n 
A 1 3  DA 3  3  3  DA DA A . n 
A 1 4  DT 4  4  4  DT DT A . n 
A 1 5  DC 5  5  5  DC DC A . n 
A 1 6  DG 6  6  6  DG DG A . n 
A 1 7  DC 7  7  7  DC DC A . n 
A 1 8  DT 8  8  8  DT DT A . n 
A 1 9  DA 9  9  9  DA DA A . n 
A 1 10 DC 10 10 10 DC DC A . n 
A 1 11 DC 11 11 11 DC DC A . n 
B 2 1  DG 1  12 12 DG DG B . n 
B 2 2  DG 2  13 13 DG DG B . n 
B 2 3  DT 3  14 14 DT DT B . n 
B 2 4  DA 4  15 15 DA DA B . n 
B 2 5  DG 5  16 16 DG DG B . n 
B 2 6  DC 6  17 17 DC DC B . n 
B 2 7  DG 7  18 18 DG DG B . n 
B 2 8  DA 8  19 19 DA DA B . n 
B 2 9  DT 9  20 20 DT DT B . n 
B 2 10 DG 10 21 21 DG DG B . n 
B 2 11 DG 11 22 22 DG DG B . n 
# 
_pdbx_nonpoly_scheme.asym_id         C 
_pdbx_nonpoly_scheme.entity_id       3 
_pdbx_nonpoly_scheme.mon_id          2QL 
_pdbx_nonpoly_scheme.ndb_seq_num     1 
_pdbx_nonpoly_scheme.pdb_seq_num     101 
_pdbx_nonpoly_scheme.auth_seq_num    23 
_pdbx_nonpoly_scheme.pdb_mon_id      2QL 
_pdbx_nonpoly_scheme.auth_mon_id     DBP 
_pdbx_nonpoly_scheme.pdb_strand_id   A 
_pdbx_nonpoly_scheme.pdb_ins_code    . 
# 
_exptl.absorpt_coefficient_mu     ? 
_exptl.absorpt_correction_T_max   ? 
_exptl.absorpt_correction_T_min   ? 
_exptl.absorpt_correction_type    ? 
_exptl.absorpt_process_details    ? 
_exptl.crystals_number            ? 
_exptl.details                    ? 
_exptl.entry_id                   2MIW 
_exptl.method                     'SOLUTION NMR' 
_exptl.method_details             ? 
# 
_struct.entry_id                  2MIW 
_struct.title                     
;Nuclear magnetic resonance studies of N2-guanine adducts derived from the tumorigen dibenzo[a,l]pyrene in DNA: Impact of adduct stereochemistry, size, and local DNA structure on solution conformations
;
_struct.pdbx_model_details        'fewest violations, model1' 
_struct.pdbx_CASP_flag            ? 
_struct.pdbx_model_type_details   ? 
# 
_struct_keywords.entry_id        2MIW 
_struct_keywords.pdbx_keywords   DNA 
_struct_keywords.text            'DNA, 14S (-)-trans-anti-DB[a, l]P-N2-dG, DNA adduct' 
# 
loop_
_struct_asym.id 
_struct_asym.pdbx_blank_PDB_chainid_flag 
_struct_asym.pdbx_modified 
_struct_asym.entity_id 
_struct_asym.details 
A N N 1 ? 
B N N 2 ? 
C N N 3 ? 
# 
loop_
_struct_ref.id 
_struct_ref.db_name 
_struct_ref.db_code 
_struct_ref.pdbx_db_accession 
_struct_ref.entity_id 
_struct_ref.pdbx_align_begin 
_struct_ref.pdbx_seq_one_letter_code 
_struct_ref.pdbx_db_isoform 
1 PDB 2MIW 2MIW 1 ? CCATCGCTACC ? 
2 PDB 2MIW 2MIW 2 ? GGTAGCGATGG ? 
# 
loop_
_struct_ref_seq.align_id 
_struct_ref_seq.ref_id 
_struct_ref_seq.pdbx_PDB_id_code 
_struct_ref_seq.pdbx_strand_id 
_struct_ref_seq.seq_align_beg 
_struct_ref_seq.pdbx_seq_align_beg_ins_code 
_struct_ref_seq.seq_align_end 
_struct_ref_seq.pdbx_seq_align_end_ins_code 
_struct_ref_seq.pdbx_db_accession 
_struct_ref_seq.db_align_beg 
_struct_ref_seq.pdbx_db_align_beg_ins_code 
_struct_ref_seq.db_align_end 
_struct_ref_seq.pdbx_db_align_end_ins_code 
_struct_ref_seq.pdbx_auth_seq_align_beg 
_struct_ref_seq.pdbx_auth_seq_align_end 
1 1 2MIW A 1 ? 11 ? 2MIW 1  ? 11 ? 1  11 
2 2 2MIW B 1 ? 11 ? 2MIW 12 ? 22 ? 12 22 
# 
_pdbx_struct_assembly.id                   1 
_pdbx_struct_assembly.details              author_defined_assembly 
_pdbx_struct_assembly.method_details       ? 
_pdbx_struct_assembly.oligomeric_details   dimeric 
_pdbx_struct_assembly.oligomeric_count     2 
# 
loop_
_pdbx_struct_assembly_prop.biol_id 
_pdbx_struct_assembly_prop.type 
_pdbx_struct_assembly_prop.value 
_pdbx_struct_assembly_prop.details 
1 'ABSA (A^2)' 1580 ? 
1 MORE         0    ? 
1 'SSA (A^2)'  4560 ? 
# 
_pdbx_struct_assembly_gen.assembly_id       1 
_pdbx_struct_assembly_gen.oper_expression   1 
_pdbx_struct_assembly_gen.asym_id_list      A,B,C 
# 
_pdbx_struct_oper_list.id                   1 
_pdbx_struct_oper_list.type                 'identity operation' 
_pdbx_struct_oper_list.name                 1_555 
_pdbx_struct_oper_list.symmetry_operation   x,y,z 
_pdbx_struct_oper_list.matrix[1][1]         1.0000000000 
_pdbx_struct_oper_list.matrix[1][2]         0.0000000000 
_pdbx_struct_oper_list.matrix[1][3]         0.0000000000 
_pdbx_struct_oper_list.vector[1]            0.0000000000 
_pdbx_struct_oper_list.matrix[2][1]         0.0000000000 
_pdbx_struct_oper_list.matrix[2][2]         1.0000000000 
_pdbx_struct_oper_list.matrix[2][3]         0.0000000000 
_pdbx_struct_oper_list.vector[2]            0.0000000000 
_pdbx_struct_oper_list.matrix[3][1]         0.0000000000 
_pdbx_struct_oper_list.matrix[3][2]         0.0000000000 
_pdbx_struct_oper_list.matrix[3][3]         1.0000000000 
_pdbx_struct_oper_list.vector[3]            0.0000000000 
# 
_struct_biol.id        1 
_struct_biol.details   ? 
# 
loop_
_struct_conn.id 
_struct_conn.conn_type_id 
_struct_conn.pdbx_leaving_atom_flag 
_struct_conn.pdbx_PDB_id 
_struct_conn.ptnr1_label_asym_id 
_struct_conn.ptnr1_label_comp_id 
_struct_conn.ptnr1_label_seq_id 
_struct_conn.ptnr1_label_atom_id 
_struct_conn.pdbx_ptnr1_label_alt_id 
_struct_conn.pdbx_ptnr1_PDB_ins_code 
_struct_conn.pdbx_ptnr1_standard_comp_id 
_struct_conn.ptnr1_symmetry 
_struct_conn.ptnr2_label_asym_id 
_struct_conn.ptnr2_label_comp_id 
_struct_conn.ptnr2_label_seq_id 
_struct_conn.ptnr2_label_atom_id 
_struct_conn.pdbx_ptnr2_label_alt_id 
_struct_conn.pdbx_ptnr2_PDB_ins_code 
_struct_conn.ptnr1_auth_asym_id 
_struct_conn.ptnr1_auth_comp_id 
_struct_conn.ptnr1_auth_seq_id 
_struct_conn.ptnr2_auth_asym_id 
_struct_conn.ptnr2_auth_comp_id 
_struct_conn.ptnr2_auth_seq_id 
_struct_conn.ptnr2_symmetry 
_struct_conn.pdbx_ptnr3_label_atom_id 
_struct_conn.pdbx_ptnr3_label_seq_id 
_struct_conn.pdbx_ptnr3_label_comp_id 
_struct_conn.pdbx_ptnr3_label_asym_id 
_struct_conn.pdbx_ptnr3_label_alt_id 
_struct_conn.pdbx_ptnr3_PDB_ins_code 
_struct_conn.details 
_struct_conn.pdbx_dist_value 
_struct_conn.pdbx_value_order 
_struct_conn.pdbx_role 
covale1  covale none ? A DG 6  N2 ? ? ? 1_555 C 2QL .  C14 ? ? A DG 6  A 2QL 101 1_555 ? ? ? ? ? ? ?            1.469 ? ? 
hydrog1  hydrog ?    ? A DC 1  N3 ? ? ? 1_555 B DG  11 N1  ? ? A DC 1  B DG  22  1_555 ? ? ? ? ? ? WATSON-CRICK ?     ? ? 
hydrog2  hydrog ?    ? A DC 1  N4 ? ? ? 1_555 B DG  11 O6  ? ? A DC 1  B DG  22  1_555 ? ? ? ? ? ? WATSON-CRICK ?     ? ? 
hydrog3  hydrog ?    ? A DC 1  O2 ? ? ? 1_555 B DG  11 N2  ? ? A DC 1  B DG  22  1_555 ? ? ? ? ? ? WATSON-CRICK ?     ? ? 
hydrog4  hydrog ?    ? A DC 2  N3 ? ? ? 1_555 B DG  10 N1  ? ? A DC 2  B DG  21  1_555 ? ? ? ? ? ? WATSON-CRICK ?     ? ? 
hydrog5  hydrog ?    ? A DC 2  N4 ? ? ? 1_555 B DG  10 O6  ? ? A DC 2  B DG  21  1_555 ? ? ? ? ? ? WATSON-CRICK ?     ? ? 
hydrog6  hydrog ?    ? A DC 2  O2 ? ? ? 1_555 B DG  10 N2  ? ? A DC 2  B DG  21  1_555 ? ? ? ? ? ? WATSON-CRICK ?     ? ? 
hydrog7  hydrog ?    ? A DA 3  N1 ? ? ? 1_555 B DT  9  N3  ? ? A DA 3  B DT  20  1_555 ? ? ? ? ? ? WATSON-CRICK ?     ? ? 
hydrog8  hydrog ?    ? A DA 3  N6 ? ? ? 1_555 B DT  9  O4  ? ? A DA 3  B DT  20  1_555 ? ? ? ? ? ? WATSON-CRICK ?     ? ? 
hydrog9  hydrog ?    ? A DT 4  N3 ? ? ? 1_555 B DA  8  N1  ? ? A DT 4  B DA  19  1_555 ? ? ? ? ? ? WATSON-CRICK ?     ? ? 
hydrog10 hydrog ?    ? A DT 4  O4 ? ? ? 1_555 B DA  8  N6  ? ? A DT 4  B DA  19  1_555 ? ? ? ? ? ? WATSON-CRICK ?     ? ? 
hydrog11 hydrog ?    ? A DC 7  N3 ? ? ? 1_555 B DG  5  N1  ? ? A DC 7  B DG  16  1_555 ? ? ? ? ? ? WATSON-CRICK ?     ? ? 
hydrog12 hydrog ?    ? A DC 7  N4 ? ? ? 1_555 B DG  5  O6  ? ? A DC 7  B DG  16  1_555 ? ? ? ? ? ? WATSON-CRICK ?     ? ? 
hydrog13 hydrog ?    ? A DC 7  O2 ? ? ? 1_555 B DG  5  N2  ? ? A DC 7  B DG  16  1_555 ? ? ? ? ? ? WATSON-CRICK ?     ? ? 
hydrog14 hydrog ?    ? A DT 8  N3 ? ? ? 1_555 B DA  4  N1  ? ? A DT 8  B DA  15  1_555 ? ? ? ? ? ? WATSON-CRICK ?     ? ? 
hydrog15 hydrog ?    ? A DT 8  O4 ? ? ? 1_555 B DA  4  N6  ? ? A DT 8  B DA  15  1_555 ? ? ? ? ? ? WATSON-CRICK ?     ? ? 
hydrog16 hydrog ?    ? A DA 9  N1 ? ? ? 1_555 B DT  3  N3  ? ? A DA 9  B DT  14  1_555 ? ? ? ? ? ? WATSON-CRICK ?     ? ? 
hydrog17 hydrog ?    ? A DA 9  N6 ? ? ? 1_555 B DT  3  O4  ? ? A DA 9  B DT  14  1_555 ? ? ? ? ? ? WATSON-CRICK ?     ? ? 
hydrog18 hydrog ?    ? A DC 10 N3 ? ? ? 1_555 B DG  2  N1  ? ? A DC 10 B DG  13  1_555 ? ? ? ? ? ? WATSON-CRICK ?     ? ? 
hydrog19 hydrog ?    ? A DC 10 N4 ? ? ? 1_555 B DG  2  O6  ? ? A DC 10 B DG  13  1_555 ? ? ? ? ? ? WATSON-CRICK ?     ? ? 
hydrog20 hydrog ?    ? A DC 10 O2 ? ? ? 1_555 B DG  2  N2  ? ? A DC 10 B DG  13  1_555 ? ? ? ? ? ? WATSON-CRICK ?     ? ? 
hydrog21 hydrog ?    ? A DC 11 O2 ? ? ? 1_555 B DG  1  N1  ? ? A DC 11 B DG  12  1_555 ? ? ? ? ? ? 'DC-DG PAIR' ?     ? ? 
# 
loop_
_struct_conn_type.id 
_struct_conn_type.criteria 
_struct_conn_type.reference 
covale ? ? 
hydrog ? ? 
# 
_struct_site.id                   AC1 
_struct_site.pdbx_evidence_code   Software 
_struct_site.pdbx_auth_asym_id    A 
_struct_site.pdbx_auth_comp_id    2QL 
_struct_site.pdbx_auth_seq_id     101 
_struct_site.pdbx_auth_ins_code   ? 
_struct_site.pdbx_num_residues    6 
_struct_site.details              'BINDING SITE FOR RESIDUE 2QL A 101' 
# 
loop_
_struct_site_gen.id 
_struct_site_gen.site_id 
_struct_site_gen.pdbx_num_res 
_struct_site_gen.label_comp_id 
_struct_site_gen.label_asym_id 
_struct_site_gen.label_seq_id 
_struct_site_gen.pdbx_auth_ins_code 
_struct_site_gen.auth_comp_id 
_struct_site_gen.auth_asym_id 
_struct_site_gen.auth_seq_id 
_struct_site_gen.label_atom_id 
_struct_site_gen.label_alt_id 
_struct_site_gen.symmetry 
_struct_site_gen.details 
1 AC1 6 DC A 5 ? DC A 5  . ? 1_555 ? 
2 AC1 6 DG A 6 ? DG A 6  . ? 1_555 ? 
3 AC1 6 DC A 7 ? DC A 7  . ? 1_555 ? 
4 AC1 6 DG B 5 ? DG B 16 . ? 1_555 ? 
5 AC1 6 DC B 6 ? DC B 17 . ? 1_555 ? 
6 AC1 6 DG B 7 ? DG B 18 . ? 1_555 ? 
# 
loop_
_pdbx_validate_rmsd_bond.id 
_pdbx_validate_rmsd_bond.PDB_model_num 
_pdbx_validate_rmsd_bond.auth_atom_id_1 
_pdbx_validate_rmsd_bond.auth_asym_id_1 
_pdbx_validate_rmsd_bond.auth_comp_id_1 
_pdbx_validate_rmsd_bond.auth_seq_id_1 
_pdbx_validate_rmsd_bond.PDB_ins_code_1 
_pdbx_validate_rmsd_bond.label_alt_id_1 
_pdbx_validate_rmsd_bond.auth_atom_id_2 
_pdbx_validate_rmsd_bond.auth_asym_id_2 
_pdbx_validate_rmsd_bond.auth_comp_id_2 
_pdbx_validate_rmsd_bond.auth_seq_id_2 
_pdbx_validate_rmsd_bond.PDB_ins_code_2 
_pdbx_validate_rmsd_bond.label_alt_id_2 
_pdbx_validate_rmsd_bond.bond_value 
_pdbx_validate_rmsd_bond.bond_target_value 
_pdbx_validate_rmsd_bond.bond_deviation 
_pdbx_validate_rmsd_bond.bond_standard_deviation 
_pdbx_validate_rmsd_bond.linker_flag 
1  1 "O4'" A DC 1  ? ? "C4'" A DC 1  ? ? 1.373 1.446 -0.073 0.010 N 
2  1 C2    A DC 2  ? ? O2    A DC 2  ? ? 1.172 1.240 -0.068 0.009 N 
3  1 C4    A DC 2  ? ? N4    A DC 2  ? ? 1.272 1.335 -0.063 0.009 N 
4  1 "C3'" A DT 4  ? ? "C2'" A DT 4  ? ? 1.436 1.516 -0.080 0.008 N 
5  1 P     A DC 5  ? ? "O5'" A DC 5  ? ? 1.521 1.593 -0.072 0.010 N 
6  1 C4    A DC 5  ? ? N4    A DC 5  ? ? 1.273 1.335 -0.062 0.009 N 
7  1 C2    A DC 5  ? ? N3    A DC 5  ? ? 1.417 1.353 0.064  0.008 N 
8  1 C5    A DC 5  ? ? C6    A DC 5  ? ? 1.394 1.339 0.055  0.008 N 
9  1 "O3'" A DG 6  ? ? "C3'" A DG 6  ? ? 1.381 1.419 -0.038 0.006 N 
10 1 "C4'" A DC 7  ? ? "C3'" A DC 7  ? ? 1.593 1.529 0.064  0.010 N 
11 1 P     A DT 8  ? ? "O5'" A DT 8  ? ? 1.665 1.593 0.072  0.010 N 
12 1 "C5'" A DT 8  ? ? "C4'" A DT 8  ? ? 1.558 1.512 0.046  0.007 N 
13 1 "C3'" A DT 8  ? ? "C2'" A DT 8  ? ? 1.453 1.516 -0.063 0.008 N 
14 1 C6    A DT 8  ? ? N1    A DT 8  ? ? 1.451 1.378 0.073  0.007 N 
15 1 "C5'" A DA 9  ? ? "C4'" A DA 9  ? ? 1.566 1.512 0.054  0.007 N 
16 1 "C3'" A DC 10 ? ? "C2'" A DC 10 ? ? 1.453 1.516 -0.063 0.008 N 
17 1 C4    A DC 10 ? ? N4    A DC 10 ? ? 1.274 1.335 -0.061 0.009 N 
18 1 N1    B DG 12 ? ? C2    B DG 12 ? ? 1.313 1.373 -0.060 0.008 N 
19 1 C2    B DG 12 ? ? N3    B DG 12 ? ? 1.387 1.323 0.064  0.008 N 
20 1 C5    B DG 12 ? ? C6    B DG 12 ? ? 1.498 1.419 0.079  0.010 N 
21 1 C2    B DG 12 ? ? N2    B DG 12 ? ? 1.270 1.341 -0.071 0.010 N 
22 1 "C5'" B DG 13 ? ? "C4'" B DG 13 ? ? 1.558 1.512 0.046  0.007 N 
23 1 C6    B DG 13 ? ? N1    B DG 13 ? ? 1.331 1.391 -0.060 0.007 N 
24 1 N7    B DG 13 ? ? C8    B DG 13 ? ? 1.261 1.305 -0.044 0.006 N 
25 1 "C5'" B DA 15 ? ? "C4'" B DA 15 ? ? 1.581 1.512 0.069  0.007 N 
26 1 N7    B DA 15 ? ? C8    B DA 15 ? ? 1.229 1.311 -0.082 0.007 N 
27 1 N3    B DG 16 ? ? C4    B DG 16 ? ? 1.405 1.350 0.055  0.007 N 
28 1 N3    B DC 17 ? ? C4    B DC 17 ? ? 1.289 1.335 -0.046 0.007 N 
29 1 "O4'" B DG 18 ? ? "C4'" B DG 18 ? ? 1.377 1.446 -0.069 0.010 N 
30 1 "C4'" B DA 19 ? ? "C3'" B DA 19 ? ? 1.607 1.529 0.078  0.010 N 
31 1 C5    B DT 20 ? ? C7    B DT 20 ? ? 1.562 1.496 0.066  0.006 N 
32 1 C6    B DG 21 ? ? N1    B DG 21 ? ? 1.303 1.391 -0.088 0.007 N 
33 1 "C5'" B DG 22 ? ? "C4'" B DG 22 ? ? 1.558 1.512 0.046  0.007 N 
34 1 "O3'" B DG 22 ? ? "C3'" B DG 22 ? ? 1.381 1.419 -0.038 0.006 N 
35 1 N9    B DG 22 ? ? C4    B DG 22 ? ? 1.425 1.375 0.050  0.008 N 
# 
loop_
_pdbx_validate_rmsd_angle.id 
_pdbx_validate_rmsd_angle.PDB_model_num 
_pdbx_validate_rmsd_angle.auth_atom_id_1 
_pdbx_validate_rmsd_angle.auth_asym_id_1 
_pdbx_validate_rmsd_angle.auth_comp_id_1 
_pdbx_validate_rmsd_angle.auth_seq_id_1 
_pdbx_validate_rmsd_angle.PDB_ins_code_1 
_pdbx_validate_rmsd_angle.label_alt_id_1 
_pdbx_validate_rmsd_angle.auth_atom_id_2 
_pdbx_validate_rmsd_angle.auth_asym_id_2 
_pdbx_validate_rmsd_angle.auth_comp_id_2 
_pdbx_validate_rmsd_angle.auth_seq_id_2 
_pdbx_validate_rmsd_angle.PDB_ins_code_2 
_pdbx_validate_rmsd_angle.label_alt_id_2 
_pdbx_validate_rmsd_angle.auth_atom_id_3 
_pdbx_validate_rmsd_angle.auth_asym_id_3 
_pdbx_validate_rmsd_angle.auth_comp_id_3 
_pdbx_validate_rmsd_angle.auth_seq_id_3 
_pdbx_validate_rmsd_angle.PDB_ins_code_3 
_pdbx_validate_rmsd_angle.label_alt_id_3 
_pdbx_validate_rmsd_angle.angle_value 
_pdbx_validate_rmsd_angle.angle_target_value 
_pdbx_validate_rmsd_angle.angle_deviation 
_pdbx_validate_rmsd_angle.angle_standard_deviation 
_pdbx_validate_rmsd_angle.linker_flag 
1   1 "O4'" A DC 1  ? ? "C1'" A DC 1  ? ? N1    A DC 1  ? ? 115.60 108.30 7.30   0.30 N 
2   1 C2    A DC 1  ? ? N3    A DC 1  ? ? C4    A DC 1  ? ? 113.16 119.90 -6.74  0.50 N 
3   1 N3    A DC 1  ? ? C4    A DC 1  ? ? C5    A DC 1  ? ? 126.66 121.90 4.76   0.40 N 
4   1 C5    A DC 1  ? ? C6    A DC 1  ? ? N1    A DC 1  ? ? 117.54 121.00 -3.46  0.50 N 
5   1 N3    A DC 1  ? ? C2    A DC 1  ? ? O2    A DC 1  ? ? 117.37 121.90 -4.53  0.70 N 
6   1 C5    A DC 1  ? ? C4    A DC 1  ? ? N4    A DC 1  ? ? 114.86 120.20 -5.34  0.70 N 
7   1 "C1'" A DC 2  ? ? "O4'" A DC 2  ? ? "C4'" A DC 2  ? ? 100.47 110.10 -9.63  1.00 N 
8   1 "O4'" A DC 2  ? ? "C1'" A DC 2  ? ? N1    A DC 2  ? ? 110.59 108.30 2.29   0.30 N 
9   1 C6    A DA 3  ? ? N1    A DA 3  ? ? C2    A DA 3  ? ? 122.52 118.60 3.92   0.60 N 
10  1 C4    A DA 3  ? ? C5    A DA 3  ? ? C6    A DA 3  ? ? 111.92 117.00 -5.08  0.50 N 
11  1 N7    A DA 3  ? ? C8    A DA 3  ? ? N9    A DA 3  ? ? 118.51 113.80 4.71   0.50 N 
12  1 C8    A DA 3  ? ? N9    A DA 3  ? ? C4    A DA 3  ? ? 102.54 105.80 -3.26  0.40 N 
13  1 C6    A DA 3  ? ? C5    A DA 3  ? ? N7    A DA 3  ? ? 137.60 132.30 5.30   0.70 N 
14  1 "C3'" A DA 3  ? ? "O3'" A DA 3  ? ? P     A DT 4  ? ? 127.15 119.70 7.45   1.20 Y 
15  1 "O4'" A DT 4  ? ? "C4'" A DT 4  ? ? "C3'" A DT 4  ? ? 111.37 106.00 5.37   0.60 N 
16  1 "O4'" A DT 4  ? ? "C1'" A DT 4  ? ? N1    A DT 4  ? ? 110.11 108.30 1.81   0.30 N 
17  1 C6    A DT 4  ? ? N1    A DT 4  ? ? C2    A DT 4  ? ? 117.42 121.30 -3.88  0.50 N 
18  1 N3    A DT 4  ? ? C2    A DT 4  ? ? O2    A DT 4  ? ? 117.04 122.30 -5.26  0.60 N 
19  1 "C3'" A DC 5  ? ? "C2'" A DC 5  ? ? "C1'" A DC 5  ? ? 93.29  102.40 -9.11  0.80 N 
20  1 "O4'" A DC 5  ? ? "C1'" A DC 5  ? ? N1    A DC 5  ? ? 121.86 108.30 13.56  0.30 N 
21  1 "O4'" A DG 6  ? ? "C4'" A DG 6  ? ? "C3'" A DG 6  ? ? 97.31  104.50 -7.19  0.40 N 
22  1 "O4'" A DG 6  ? ? "C1'" A DG 6  ? ? N9    A DG 6  ? ? 116.43 108.30 8.13   0.30 N 
23  1 N3    A DG 6  ? ? C2    A DG 6  ? ? N2    A DG 6  ? ? 126.93 119.90 7.03   0.70 N 
24  1 "O4'" A DC 7  ? ? "C1'" A DC 7  ? ? "C2'" A DC 7  ? ? 100.29 105.90 -5.61  0.80 N 
25  1 C2    A DC 7  ? ? N3    A DC 7  ? ? C4    A DC 7  ? ? 115.21 119.90 -4.69  0.50 N 
26  1 C5    A DC 7  ? ? C6    A DC 7  ? ? N1    A DC 7  ? ? 117.38 121.00 -3.62  0.50 N 
27  1 N3    A DC 7  ? ? C4    A DC 7  ? ? N4    A DC 7  ? ? 113.59 118.00 -4.41  0.70 N 
28  1 "C1'" A DT 8  ? ? "O4'" A DT 8  ? ? "C4'" A DT 8  ? ? 103.02 110.10 -7.08  1.00 N 
29  1 N1    A DT 8  ? ? C2    A DT 8  ? ? N3    A DT 8  ? ? 120.05 114.60 5.45   0.60 N 
30  1 C4    A DT 8  ? ? C5    A DT 8  ? ? C6    A DT 8  ? ? 125.30 118.00 7.30   0.60 N 
31  1 C5    A DT 8  ? ? C6    A DT 8  ? ? N1    A DT 8  ? ? 117.67 123.70 -6.03  0.60 N 
32  1 N3    A DT 8  ? ? C2    A DT 8  ? ? O2    A DT 8  ? ? 114.36 122.30 -7.94  0.60 N 
33  1 C6    A DT 8  ? ? C5    A DT 8  ? ? C7    A DT 8  ? ? 115.78 122.90 -7.12  0.60 N 
34  1 "C4'" A DA 9  ? ? "C3'" A DA 9  ? ? "C2'" A DA 9  ? ? 108.92 103.10 5.82   0.90 N 
35  1 "O4'" A DA 9  ? ? "C1'" A DA 9  ? ? N9    A DA 9  ? ? 114.07 108.30 5.77   0.30 N 
36  1 C4    A DA 9  ? ? C5    A DA 9  ? ? C6    A DA 9  ? ? 113.87 117.00 -3.13  0.50 N 
37  1 N1    A DA 9  ? ? C6    A DA 9  ? ? N6    A DA 9  ? ? 105.15 118.60 -13.45 0.60 N 
38  1 C5    A DA 9  ? ? C6    A DA 9  ? ? N6    A DA 9  ? ? 132.62 123.70 8.92   0.80 N 
39  1 "O4'" A DC 10 ? ? "C1'" A DC 10 ? ? N1    A DC 10 ? ? 118.71 108.30 10.41  0.30 N 
40  1 C2    A DC 10 ? ? N3    A DC 10 ? ? C4    A DC 10 ? ? 116.11 119.90 -3.79  0.50 N 
41  1 N3    A DC 10 ? ? C4    A DC 10 ? ? C5    A DC 10 ? ? 124.93 121.90 3.03   0.40 N 
42  1 N1    A DC 10 ? ? C2    A DC 10 ? ? O2    A DC 10 ? ? 123.73 118.90 4.83   0.60 N 
43  1 N3    A DC 10 ? ? C4    A DC 10 ? ? N4    A DC 10 ? ? 109.17 118.00 -8.83  0.70 N 
44  1 "O4'" A DC 11 ? ? "C4'" A DC 11 ? ? "C3'" A DC 11 ? ? 101.57 104.50 -2.93  0.40 N 
45  1 "O4'" A DC 11 ? ? "C1'" A DC 11 ? ? "C2'" A DC 11 ? ? 99.92  105.90 -5.98  0.80 N 
46  1 "O4'" A DC 11 ? ? "C1'" A DC 11 ? ? N1    A DC 11 ? ? 117.38 108.30 9.08   0.30 N 
47  1 N1    A DC 11 ? ? C2    A DC 11 ? ? O2    A DC 11 ? ? 124.48 118.90 5.58   0.60 N 
48  1 "O4'" B DG 12 ? ? "C1'" B DG 12 ? ? N9    B DG 12 ? ? 118.41 108.30 10.11  0.30 N 
49  1 N3    B DG 12 ? ? C4    B DG 12 ? ? C5    B DG 12 ? ? 124.27 128.60 -4.33  0.50 N 
50  1 N7    B DG 12 ? ? C8    B DG 12 ? ? N9    B DG 12 ? ? 110.04 113.10 -3.06  0.50 N 
51  1 C8    B DG 12 ? ? N9    B DG 12 ? ? C4    B DG 12 ? ? 109.35 106.40 2.95   0.40 N 
52  1 N3    B DG 12 ? ? C4    B DG 12 ? ? N9    B DG 12 ? ? 131.05 126.00 5.05   0.60 N 
53  1 N1    B DG 12 ? ? C2    B DG 12 ? ? N2    B DG 12 ? ? 110.76 116.20 -5.44  0.90 N 
54  1 C4    B DG 13 ? ? C5    B DG 13 ? ? C6    B DG 13 ? ? 114.63 118.80 -4.17  0.60 N 
55  1 "C3'" B DG 13 ? ? "O3'" B DG 13 ? ? P     B DT 14 ? ? 127.13 119.70 7.43   1.20 Y 
56  1 "O4'" B DT 14 ? ? "C1'" B DT 14 ? ? "C2'" B DT 14 ? ? 99.51  105.90 -6.39  0.80 N 
57  1 "O4'" B DT 14 ? ? "C1'" B DT 14 ? ? N1    B DT 14 ? ? 112.45 108.30 4.15   0.30 N 
58  1 C4    B DT 14 ? ? C5    B DT 14 ? ? C6    B DT 14 ? ? 122.00 118.00 4.00   0.60 N 
59  1 C5    B DT 14 ? ? C6    B DT 14 ? ? N1    B DT 14 ? ? 116.74 123.70 -6.96  0.60 N 
60  1 N3    B DT 14 ? ? C2    B DT 14 ? ? O2    B DT 14 ? ? 115.93 122.30 -6.37  0.60 N 
61  1 N3    B DT 14 ? ? C4    B DT 14 ? ? O4    B DT 14 ? ? 114.58 119.90 -5.32  0.60 N 
62  1 C5    B DT 14 ? ? C4    B DT 14 ? ? O4    B DT 14 ? ? 129.88 124.90 4.98   0.70 N 
63  1 C6    B DT 14 ? ? C5    B DT 14 ? ? C7    B DT 14 ? ? 117.28 122.90 -5.62  0.60 N 
64  1 "C3'" B DT 14 ? ? "O3'" B DT 14 ? ? P     B DA 15 ? ? 129.63 119.70 9.93   1.20 Y 
65  1 "O4'" B DA 15 ? ? "C1'" B DA 15 ? ? N9    B DA 15 ? ? 111.60 108.30 3.30   0.30 N 
66  1 N1    B DA 15 ? ? C2    B DA 15 ? ? N3    B DA 15 ? ? 125.55 129.30 -3.75  0.50 N 
67  1 C4    B DA 15 ? ? C5    B DA 15 ? ? C6    B DA 15 ? ? 113.23 117.00 -3.77  0.50 N 
68  1 N9    B DA 15 ? ? C4    B DA 15 ? ? C5    B DA 15 ? ? 102.29 105.80 -3.51  0.40 N 
69  1 N1    B DA 15 ? ? C6    B DA 15 ? ? N6    B DA 15 ? ? 109.82 118.60 -8.78  0.60 N 
70  1 C5    B DA 15 ? ? C6    B DA 15 ? ? N6    B DA 15 ? ? 129.99 123.70 6.29   0.80 N 
71  1 "O4'" B DG 16 ? ? "C1'" B DG 16 ? ? N9    B DG 16 ? ? 112.87 108.30 4.57   0.30 N 
72  1 N3    B DG 16 ? ? C4    B DG 16 ? ? C5    B DG 16 ? ? 125.48 128.60 -3.12  0.50 N 
73  1 C8    B DG 16 ? ? N9    B DG 16 ? ? C4    B DG 16 ? ? 103.87 106.40 -2.53  0.40 N 
74  1 "O5'" B DC 17 ? ? "C5'" B DC 17 ? ? "C4'" B DC 17 ? ? 100.92 109.40 -8.48  0.80 N 
75  1 "O4'" B DC 17 ? ? "C1'" B DC 17 ? ? N1    B DC 17 ? ? 118.82 108.30 10.52  0.30 N 
76  1 N3    B DC 17 ? ? C4    B DC 17 ? ? N4    B DC 17 ? ? 122.37 118.00 4.37   0.70 N 
77  1 "O4'" B DG 18 ? ? "C4'" B DG 18 ? ? "C3'" B DG 18 ? ? 100.35 104.50 -4.15  0.40 N 
78  1 "C1'" B DG 18 ? ? "O4'" B DG 18 ? ? "C4'" B DG 18 ? ? 117.71 110.30 7.41   0.70 N 
79  1 "O4'" B DG 18 ? ? "C1'" B DG 18 ? ? N9    B DG 18 ? ? 113.64 108.30 5.34   0.30 N 
80  1 C6    B DG 18 ? ? N1    B DG 18 ? ? C2    B DG 18 ? ? 120.77 125.10 -4.33  0.60 N 
81  1 C4    B DG 18 ? ? C5    B DG 18 ? ? C6    B DG 18 ? ? 114.65 118.80 -4.15  0.60 N 
82  1 C5    B DG 18 ? ? C6    B DG 18 ? ? N1    B DG 18 ? ? 116.38 111.50 4.88   0.50 N 
83  1 C8    B DG 18 ? ? N9    B DG 18 ? ? C4    B DG 18 ? ? 103.45 106.40 -2.95  0.40 N 
84  1 C6    B DG 18 ? ? C5    B DG 18 ? ? N7    B DG 18 ? ? 135.05 130.40 4.65   0.60 N 
85  1 "O4'" B DA 19 ? ? "C1'" B DA 19 ? ? N9    B DA 19 ? ? 113.09 108.30 4.79   0.30 N 
86  1 C5    B DA 19 ? ? N7    B DA 19 ? ? C8    B DA 19 ? ? 100.85 103.90 -3.05  0.50 N 
87  1 N1    B DA 19 ? ? C6    B DA 19 ? ? N6    B DA 19 ? ? 110.12 118.60 -8.48  0.60 N 
88  1 C5    B DA 19 ? ? C6    B DA 19 ? ? N6    B DA 19 ? ? 131.08 123.70 7.38   0.80 N 
89  1 "O4'" B DT 20 ? ? "C1'" B DT 20 ? ? N1    B DT 20 ? ? 110.89 108.30 2.59   0.30 N 
90  1 N3    B DT 20 ? ? C2    B DT 20 ? ? O2    B DT 20 ? ? 118.43 122.30 -3.87  0.60 N 
91  1 N3    B DT 20 ? ? C4    B DT 20 ? ? O4    B DT 20 ? ? 115.39 119.90 -4.51  0.60 N 
92  1 "C1'" B DG 21 ? ? "O4'" B DG 21 ? ? "C4'" B DG 21 ? ? 102.60 110.10 -7.50  1.00 N 
93  1 "O4'" B DG 21 ? ? "C1'" B DG 21 ? ? "C2'" B DG 21 ? ? 99.57  105.90 -6.33  0.80 N 
94  1 "O4'" B DG 21 ? ? "C1'" B DG 21 ? ? N9    B DG 21 ? ? 111.18 108.30 2.88   0.30 N 
95  1 C5    B DG 21 ? ? C6    B DG 21 ? ? N1    B DG 21 ? ? 115.21 111.50 3.71   0.50 N 
96  1 C4    B DG 21 ? ? C5    B DG 21 ? ? N7    B DG 21 ? ? 108.15 110.80 -2.65  0.40 N 
97  1 C5    B DG 21 ? ? N7    B DG 21 ? ? C8    B DG 21 ? ? 107.54 104.30 3.24   0.50 N 
98  1 C6    B DG 21 ? ? C5    B DG 21 ? ? N7    B DG 21 ? ? 134.90 130.40 4.50   0.60 N 
99  1 C5    B DG 21 ? ? C6    B DG 21 ? ? O6    B DG 21 ? ? 124.10 128.60 -4.50  0.60 N 
100 1 "O4'" B DG 22 ? ? "C1'" B DG 22 ? ? N9    B DG 22 ? ? 112.17 108.30 3.87   0.30 N 
101 1 N7    B DG 22 ? ? C8    B DG 22 ? ? N9    B DG 22 ? ? 116.27 113.10 3.17   0.50 N 
102 1 C8    B DG 22 ? ? N9    B DG 22 ? ? C4    B DG 22 ? ? 103.37 106.40 -3.03  0.40 N 
103 1 N1    B DG 22 ? ? C6    B DG 22 ? ? O6    B DG 22 ? ? 109.38 119.90 -10.52 0.60 N 
104 1 C5    B DG 22 ? ? C6    B DG 22 ? ? O6    B DG 22 ? ? 137.24 128.60 8.64   0.60 N 
# 
loop_
_pdbx_validate_planes.id 
_pdbx_validate_planes.PDB_model_num 
_pdbx_validate_planes.auth_comp_id 
_pdbx_validate_planes.auth_asym_id 
_pdbx_validate_planes.auth_seq_id 
_pdbx_validate_planes.PDB_ins_code 
_pdbx_validate_planes.label_alt_id 
_pdbx_validate_planes.rmsd 
_pdbx_validate_planes.type 
1  1 DT A 4  ? ? 0.092 'SIDE CHAIN' 
2  1 DG A 6  ? ? 0.130 'SIDE CHAIN' 
3  1 DC A 7  ? ? 0.106 'SIDE CHAIN' 
4  1 DT A 8  ? ? 0.070 'SIDE CHAIN' 
5  1 DA A 9  ? ? 0.142 'SIDE CHAIN' 
6  1 DC A 10 ? ? 0.084 'SIDE CHAIN' 
7  1 DC A 11 ? ? 0.079 'SIDE CHAIN' 
8  1 DG B 12 ? ? 0.082 'SIDE CHAIN' 
9  1 DG B 13 ? ? 0.073 'SIDE CHAIN' 
10 1 DT B 14 ? ? 0.071 'SIDE CHAIN' 
11 1 DA B 15 ? ? 0.055 'SIDE CHAIN' 
12 1 DG B 16 ? ? 0.126 'SIDE CHAIN' 
13 1 DC B 17 ? ? 0.109 'SIDE CHAIN' 
14 1 DG B 18 ? ? 0.107 'SIDE CHAIN' 
15 1 DA B 19 ? ? 0.130 'SIDE CHAIN' 
16 1 DG B 22 ? ? 0.136 'SIDE CHAIN' 
# 
_pdbx_nmr_ensemble.average_constraint_violations_per_residue     ? 
_pdbx_nmr_ensemble.average_constraints_per_residue               ? 
_pdbx_nmr_ensemble.average_distance_constraint_violation         ? 
_pdbx_nmr_ensemble.average_torsion_angle_constraint_violation    ? 
_pdbx_nmr_ensemble.conformer_selection_criteria                  'structures with the least restraint violations' 
_pdbx_nmr_ensemble.conformers_calculated_total_number            1000 
_pdbx_nmr_ensemble.conformers_submitted_total_number             1 
_pdbx_nmr_ensemble.distance_constraint_violation_method          ? 
_pdbx_nmr_ensemble.entry_id                                      2MIW 
_pdbx_nmr_ensemble.maximum_distance_constraint_violation         ? 
_pdbx_nmr_ensemble.maximum_lower_distance_constraint_violation   ? 
_pdbx_nmr_ensemble.maximum_torsion_angle_constraint_violation    ? 
_pdbx_nmr_ensemble.maximum_upper_distance_constraint_violation   ? 
_pdbx_nmr_ensemble.torsion_angle_constraint_violation_method     ? 
# 
_pdbx_nmr_representative.conformer_id         1 
_pdbx_nmr_representative.entry_id             2MIW 
_pdbx_nmr_representative.selection_criteria   'fewest violations' 
# 
loop_
_pdbx_nmr_sample_details.contents 
_pdbx_nmr_sample_details.solution_id 
_pdbx_nmr_sample_details.solvent_system 
'1.5 mM DB[a,l]P covalently bound to 11mer DNA duplex, 100 mM NaCl, 10 mM Na2HPO4, 25 mM DSS, 100% D2O'        1 '100% D2O'        
'1.5 mM DB[a,l]P covalently bound to 11mer DNA duplex, 100 mM NaCl, 10 mM Na2HPO4, 25 mM DSS, 90% H2O/10% D2O' 2 '90% H2O/10% D2O' 
# 
loop_
_pdbx_nmr_exptl_sample.component 
_pdbx_nmr_exptl_sample.concentration 
_pdbx_nmr_exptl_sample.concentration_range 
_pdbx_nmr_exptl_sample.concentration_units 
_pdbx_nmr_exptl_sample.isotopic_labeling 
_pdbx_nmr_exptl_sample.solution_id 
'DB[a,l]P covalently bound to 11mer DNA duplex-1' 1.5 ? mM ? 1 
NaCl-2                                            100 ? mM ? 1 
Na2HPO4-3                                         10  ? mM ? 1 
DSS-4                                             25  ? mM ? 1 
'DB[a,l]P covalently bound to 11mer DNA duplex-5' 1.5 ? mM ? 2 
NaCl-6                                            100 ? mM ? 2 
Na2HPO4-7                                         10  ? mM ? 2 
DSS-8                                             25  ? mM ? 2 
# 
_pdbx_nmr_exptl_sample_conditions.conditions_id       1 
_pdbx_nmr_exptl_sample_conditions.ionic_strength      ? 
_pdbx_nmr_exptl_sample_conditions.pH                  6.8 
_pdbx_nmr_exptl_sample_conditions.pressure            ? 
_pdbx_nmr_exptl_sample_conditions.pressure_units      ? 
_pdbx_nmr_exptl_sample_conditions.temperature         ? 
_pdbx_nmr_exptl_sample_conditions.temperature_units   K 
# 
loop_
_pdbx_nmr_exptl.conditions_id 
_pdbx_nmr_exptl.experiment_id 
_pdbx_nmr_exptl.solution_id 
_pdbx_nmr_exptl.type 
1 1 1 '2D 1H-1H NOESY' 
1 2 1 '2D 1H-1H TOCSY' 
1 3 2 '2D 1H-1H NOESY' 
# 
_pdbx_nmr_refine.entry_id           2MIW 
_pdbx_nmr_refine.method             'molecular dynamics' 
_pdbx_nmr_refine.details            ? 
_pdbx_nmr_refine.software_ordinal   1 
# 
loop_
_pdbx_nmr_software.authors 
_pdbx_nmr_software.classification 
_pdbx_nmr_software.name 
_pdbx_nmr_software.version 
_pdbx_nmr_software.ordinal 
'Bruker Biospin'                                                            collection                  TopSpin ? 1 
'Bruker Biospin'                                                            processing                  TopSpin ? 2 
Goddard                                                                     'data analysis'             Sparky  ? 3 
Goddard                                                                     'chemical shift assignment' Sparky  ? 4 
'Case, Darden, Cheatham, III, Simmerling, Wang, Duke, Luo, ... and Kollman' refinement                  Amber   ? 5 
# 
loop_
_chem_comp_atom.comp_id 
_chem_comp_atom.atom_id 
_chem_comp_atom.type_symbol 
_chem_comp_atom.pdbx_aromatic_flag 
_chem_comp_atom.pdbx_stereo_config 
_chem_comp_atom.pdbx_ordinal 
2QL C14    C N N 1   
2QL C13    C N R 2   
2QL O13    O N N 3   
2QL C12    C N R 4   
2QL O12    O N N 5   
2QL C11    C N R 6   
2QL O11    O N N 7   
2QL C16    C Y N 8   
2QL C10    C Y N 9   
2QL C17    C Y N 10  
2QL C18    C Y N 11  
2QL C9     C Y N 12  
2QL C8     C Y N 13  
2QL C20    C Y N 14  
2QL C21    C Y N 15  
2QL C7     C Y N 16  
2QL C6     C Y N 17  
2QL C5     C Y N 18  
2QL C22    C Y N 19  
2QL C23    C Y N 20  
2QL C4     C Y N 21  
2QL C3     C Y N 22  
2QL C2     C Y N 23  
2QL C1     C Y N 24  
2QL C24    C Y N 25  
2QL C19    C Y N 26  
2QL C15    C Y N 27  
2QL H14    H N N 28  
2QL H15    H N N 29  
2QL H13    H N N 30  
2QL HO13   H N N 31  
2QL H12    H N N 32  
2QL HO12   H N N 33  
2QL H11    H N N 34  
2QL HO11   H N N 35  
2QL H10    H N N 36  
2QL H9     H N N 37  
2QL H8     H N N 38  
2QL H7     H N N 39  
2QL H6     H N N 40  
2QL H5     H N N 41  
2QL H4     H N N 42  
2QL H3     H N N 43  
2QL H2     H N N 44  
2QL H1     H N N 45  
DA  OP3    O N N 46  
DA  P      P N N 47  
DA  OP1    O N N 48  
DA  OP2    O N N 49  
DA  "O5'"  O N N 50  
DA  "C5'"  C N N 51  
DA  "C4'"  C N R 52  
DA  "O4'"  O N N 53  
DA  "C3'"  C N S 54  
DA  "O3'"  O N N 55  
DA  "C2'"  C N N 56  
DA  "C1'"  C N R 57  
DA  N9     N Y N 58  
DA  C8     C Y N 59  
DA  N7     N Y N 60  
DA  C5     C Y N 61  
DA  C6     C Y N 62  
DA  N6     N N N 63  
DA  N1     N Y N 64  
DA  C2     C Y N 65  
DA  N3     N Y N 66  
DA  C4     C Y N 67  
DA  HOP3   H N N 68  
DA  HOP2   H N N 69  
DA  "H5'"  H N N 70  
DA  "H5''" H N N 71  
DA  "H4'"  H N N 72  
DA  "H3'"  H N N 73  
DA  "HO3'" H N N 74  
DA  "H2'"  H N N 75  
DA  "H2''" H N N 76  
DA  "H1'"  H N N 77  
DA  H8     H N N 78  
DA  H61    H N N 79  
DA  H62    H N N 80  
DA  H2     H N N 81  
DC  OP3    O N N 82  
DC  P      P N N 83  
DC  OP1    O N N 84  
DC  OP2    O N N 85  
DC  "O5'"  O N N 86  
DC  "C5'"  C N N 87  
DC  "C4'"  C N R 88  
DC  "O4'"  O N N 89  
DC  "C3'"  C N S 90  
DC  "O3'"  O N N 91  
DC  "C2'"  C N N 92  
DC  "C1'"  C N R 93  
DC  N1     N N N 94  
DC  C2     C N N 95  
DC  O2     O N N 96  
DC  N3     N N N 97  
DC  C4     C N N 98  
DC  N4     N N N 99  
DC  C5     C N N 100 
DC  C6     C N N 101 
DC  HOP3   H N N 102 
DC  HOP2   H N N 103 
DC  "H5'"  H N N 104 
DC  "H5''" H N N 105 
DC  "H4'"  H N N 106 
DC  "H3'"  H N N 107 
DC  "HO3'" H N N 108 
DC  "H2'"  H N N 109 
DC  "H2''" H N N 110 
DC  "H1'"  H N N 111 
DC  H41    H N N 112 
DC  H42    H N N 113 
DC  H5     H N N 114 
DC  H6     H N N 115 
DG  OP3    O N N 116 
DG  P      P N N 117 
DG  OP1    O N N 118 
DG  OP2    O N N 119 
DG  "O5'"  O N N 120 
DG  "C5'"  C N N 121 
DG  "C4'"  C N R 122 
DG  "O4'"  O N N 123 
DG  "C3'"  C N S 124 
DG  "O3'"  O N N 125 
DG  "C2'"  C N N 126 
DG  "C1'"  C N R 127 
DG  N9     N Y N 128 
DG  C8     C Y N 129 
DG  N7     N Y N 130 
DG  C5     C Y N 131 
DG  C6     C N N 132 
DG  O6     O N N 133 
DG  N1     N N N 134 
DG  C2     C N N 135 
DG  N2     N N N 136 
DG  N3     N N N 137 
DG  C4     C Y N 138 
DG  HOP3   H N N 139 
DG  HOP2   H N N 140 
DG  "H5'"  H N N 141 
DG  "H5''" H N N 142 
DG  "H4'"  H N N 143 
DG  "H3'"  H N N 144 
DG  "HO3'" H N N 145 
DG  "H2'"  H N N 146 
DG  "H2''" H N N 147 
DG  "H1'"  H N N 148 
DG  H8     H N N 149 
DG  H1     H N N 150 
DG  H21    H N N 151 
DG  H22    H N N 152 
DT  OP3    O N N 153 
DT  P      P N N 154 
DT  OP1    O N N 155 
DT  OP2    O N N 156 
DT  "O5'"  O N N 157 
DT  "C5'"  C N N 158 
DT  "C4'"  C N R 159 
DT  "O4'"  O N N 160 
DT  "C3'"  C N S 161 
DT  "O3'"  O N N 162 
DT  "C2'"  C N N 163 
DT  "C1'"  C N R 164 
DT  N1     N N N 165 
DT  C2     C N N 166 
DT  O2     O N N 167 
DT  N3     N N N 168 
DT  C4     C N N 169 
DT  O4     O N N 170 
DT  C5     C N N 171 
DT  C7     C N N 172 
DT  C6     C N N 173 
DT  HOP3   H N N 174 
DT  HOP2   H N N 175 
DT  "H5'"  H N N 176 
DT  "H5''" H N N 177 
DT  "H4'"  H N N 178 
DT  "H3'"  H N N 179 
DT  "HO3'" H N N 180 
DT  "H2'"  H N N 181 
DT  "H2''" H N N 182 
DT  "H1'"  H N N 183 
DT  H3     H N N 184 
DT  H71    H N N 185 
DT  H72    H N N 186 
DT  H73    H N N 187 
DT  H6     H N N 188 
# 
loop_
_chem_comp_bond.comp_id 
_chem_comp_bond.atom_id_1 
_chem_comp_bond.atom_id_2 
_chem_comp_bond.value_order 
_chem_comp_bond.pdbx_aromatic_flag 
_chem_comp_bond.pdbx_stereo_config 
_chem_comp_bond.pdbx_ordinal 
2QL C7    C6     doub Y N 1   
2QL C7    C20    sing Y N 2   
2QL C6    C5     sing Y N 3   
2QL C8    C20    doub Y N 4   
2QL C8    C9     sing Y N 5   
2QL C20   C21    sing Y N 6   
2QL C5    C22    doub Y N 7   
2QL C9    C17    doub Y N 8   
2QL C21   C22    sing Y N 9   
2QL C21   C18    doub Y N 10  
2QL C22   C23    sing Y N 11  
2QL C17   C18    sing Y N 12  
2QL C17   C10    sing Y N 13  
2QL C18   C19    sing Y N 14  
2QL C23   C4     doub Y N 15  
2QL C23   C24    sing Y N 16  
2QL C4    C3     sing Y N 17  
2QL C10   C16    doub Y N 18  
2QL C19   C24    sing Y N 19  
2QL C19   C15    doub Y N 20  
2QL C24   C1     doub Y N 21  
2QL C3    C2     doub Y N 22  
2QL C16   C15    sing Y N 23  
2QL C16   C11    sing N N 24  
2QL C15   C14    sing N N 25  
2QL C1    C2     sing Y N 26  
2QL C11   O11    sing N N 27  
2QL C11   C12    sing N N 28  
2QL O13   C13    sing N N 29  
2QL C14   C13    sing N N 30  
2QL C13   C12    sing N N 31  
2QL C12   O12    sing N N 32  
2QL C14   H14    sing N N 33  
2QL C14   H15    sing N N 34  
2QL C13   H13    sing N N 35  
2QL O13   HO13   sing N N 36  
2QL C12   H12    sing N N 37  
2QL O12   HO12   sing N N 38  
2QL C11   H11    sing N N 39  
2QL O11   HO11   sing N N 40  
2QL C10   H10    sing N N 41  
2QL C9    H9     sing N N 42  
2QL C8    H8     sing N N 43  
2QL C7    H7     sing N N 44  
2QL C6    H6     sing N N 45  
2QL C5    H5     sing N N 46  
2QL C4    H4     sing N N 47  
2QL C3    H3     sing N N 48  
2QL C2    H2     sing N N 49  
2QL C1    H1     sing N N 50  
DA  OP3   P      sing N N 51  
DA  OP3   HOP3   sing N N 52  
DA  P     OP1    doub N N 53  
DA  P     OP2    sing N N 54  
DA  P     "O5'"  sing N N 55  
DA  OP2   HOP2   sing N N 56  
DA  "O5'" "C5'"  sing N N 57  
DA  "C5'" "C4'"  sing N N 58  
DA  "C5'" "H5'"  sing N N 59  
DA  "C5'" "H5''" sing N N 60  
DA  "C4'" "O4'"  sing N N 61  
DA  "C4'" "C3'"  sing N N 62  
DA  "C4'" "H4'"  sing N N 63  
DA  "O4'" "C1'"  sing N N 64  
DA  "C3'" "O3'"  sing N N 65  
DA  "C3'" "C2'"  sing N N 66  
DA  "C3'" "H3'"  sing N N 67  
DA  "O3'" "HO3'" sing N N 68  
DA  "C2'" "C1'"  sing N N 69  
DA  "C2'" "H2'"  sing N N 70  
DA  "C2'" "H2''" sing N N 71  
DA  "C1'" N9     sing N N 72  
DA  "C1'" "H1'"  sing N N 73  
DA  N9    C8     sing Y N 74  
DA  N9    C4     sing Y N 75  
DA  C8    N7     doub Y N 76  
DA  C8    H8     sing N N 77  
DA  N7    C5     sing Y N 78  
DA  C5    C6     sing Y N 79  
DA  C5    C4     doub Y N 80  
DA  C6    N6     sing N N 81  
DA  C6    N1     doub Y N 82  
DA  N6    H61    sing N N 83  
DA  N6    H62    sing N N 84  
DA  N1    C2     sing Y N 85  
DA  C2    N3     doub Y N 86  
DA  C2    H2     sing N N 87  
DA  N3    C4     sing Y N 88  
DC  OP3   P      sing N N 89  
DC  OP3   HOP3   sing N N 90  
DC  P     OP1    doub N N 91  
DC  P     OP2    sing N N 92  
DC  P     "O5'"  sing N N 93  
DC  OP2   HOP2   sing N N 94  
DC  "O5'" "C5'"  sing N N 95  
DC  "C5'" "C4'"  sing N N 96  
DC  "C5'" "H5'"  sing N N 97  
DC  "C5'" "H5''" sing N N 98  
DC  "C4'" "O4'"  sing N N 99  
DC  "C4'" "C3'"  sing N N 100 
DC  "C4'" "H4'"  sing N N 101 
DC  "O4'" "C1'"  sing N N 102 
DC  "C3'" "O3'"  sing N N 103 
DC  "C3'" "C2'"  sing N N 104 
DC  "C3'" "H3'"  sing N N 105 
DC  "O3'" "HO3'" sing N N 106 
DC  "C2'" "C1'"  sing N N 107 
DC  "C2'" "H2'"  sing N N 108 
DC  "C2'" "H2''" sing N N 109 
DC  "C1'" N1     sing N N 110 
DC  "C1'" "H1'"  sing N N 111 
DC  N1    C2     sing N N 112 
DC  N1    C6     sing N N 113 
DC  C2    O2     doub N N 114 
DC  C2    N3     sing N N 115 
DC  N3    C4     doub N N 116 
DC  C4    N4     sing N N 117 
DC  C4    C5     sing N N 118 
DC  N4    H41    sing N N 119 
DC  N4    H42    sing N N 120 
DC  C5    C6     doub N N 121 
DC  C5    H5     sing N N 122 
DC  C6    H6     sing N N 123 
DG  OP3   P      sing N N 124 
DG  OP3   HOP3   sing N N 125 
DG  P     OP1    doub N N 126 
DG  P     OP2    sing N N 127 
DG  P     "O5'"  sing N N 128 
DG  OP2   HOP2   sing N N 129 
DG  "O5'" "C5'"  sing N N 130 
DG  "C5'" "C4'"  sing N N 131 
DG  "C5'" "H5'"  sing N N 132 
DG  "C5'" "H5''" sing N N 133 
DG  "C4'" "O4'"  sing N N 134 
DG  "C4'" "C3'"  sing N N 135 
DG  "C4'" "H4'"  sing N N 136 
DG  "O4'" "C1'"  sing N N 137 
DG  "C3'" "O3'"  sing N N 138 
DG  "C3'" "C2'"  sing N N 139 
DG  "C3'" "H3'"  sing N N 140 
DG  "O3'" "HO3'" sing N N 141 
DG  "C2'" "C1'"  sing N N 142 
DG  "C2'" "H2'"  sing N N 143 
DG  "C2'" "H2''" sing N N 144 
DG  "C1'" N9     sing N N 145 
DG  "C1'" "H1'"  sing N N 146 
DG  N9    C8     sing Y N 147 
DG  N9    C4     sing Y N 148 
DG  C8    N7     doub Y N 149 
DG  C8    H8     sing N N 150 
DG  N7    C5     sing Y N 151 
DG  C5    C6     sing N N 152 
DG  C5    C4     doub Y N 153 
DG  C6    O6     doub N N 154 
DG  C6    N1     sing N N 155 
DG  N1    C2     sing N N 156 
DG  N1    H1     sing N N 157 
DG  C2    N2     sing N N 158 
DG  C2    N3     doub N N 159 
DG  N2    H21    sing N N 160 
DG  N2    H22    sing N N 161 
DG  N3    C4     sing N N 162 
DT  OP3   P      sing N N 163 
DT  OP3   HOP3   sing N N 164 
DT  P     OP1    doub N N 165 
DT  P     OP2    sing N N 166 
DT  P     "O5'"  sing N N 167 
DT  OP2   HOP2   sing N N 168 
DT  "O5'" "C5'"  sing N N 169 
DT  "C5'" "C4'"  sing N N 170 
DT  "C5'" "H5'"  sing N N 171 
DT  "C5'" "H5''" sing N N 172 
DT  "C4'" "O4'"  sing N N 173 
DT  "C4'" "C3'"  sing N N 174 
DT  "C4'" "H4'"  sing N N 175 
DT  "O4'" "C1'"  sing N N 176 
DT  "C3'" "O3'"  sing N N 177 
DT  "C3'" "C2'"  sing N N 178 
DT  "C3'" "H3'"  sing N N 179 
DT  "O3'" "HO3'" sing N N 180 
DT  "C2'" "C1'"  sing N N 181 
DT  "C2'" "H2'"  sing N N 182 
DT  "C2'" "H2''" sing N N 183 
DT  "C1'" N1     sing N N 184 
DT  "C1'" "H1'"  sing N N 185 
DT  N1    C2     sing N N 186 
DT  N1    C6     sing N N 187 
DT  C2    O2     doub N N 188 
DT  C2    N3     sing N N 189 
DT  N3    C4     sing N N 190 
DT  N3    H3     sing N N 191 
DT  C4    O4     doub N N 192 
DT  C4    C5     sing N N 193 
DT  C5    C7     sing N N 194 
DT  C5    C6     doub N N 195 
DT  C7    H71    sing N N 196 
DT  C7    H72    sing N N 197 
DT  C7    H73    sing N N 198 
DT  C6    H6     sing N N 199 
# 
loop_
_ndb_struct_conf_na.entry_id 
_ndb_struct_conf_na.feature 
2MIW 'double helix'        
2MIW 'b-form double helix' 
2MIW 'internal loop'       
# 
loop_
_ndb_struct_na_base_pair.model_number 
_ndb_struct_na_base_pair.i_label_asym_id 
_ndb_struct_na_base_pair.i_label_comp_id 
_ndb_struct_na_base_pair.i_label_seq_id 
_ndb_struct_na_base_pair.i_symmetry 
_ndb_struct_na_base_pair.j_label_asym_id 
_ndb_struct_na_base_pair.j_label_comp_id 
_ndb_struct_na_base_pair.j_label_seq_id 
_ndb_struct_na_base_pair.j_symmetry 
_ndb_struct_na_base_pair.shear 
_ndb_struct_na_base_pair.stretch 
_ndb_struct_na_base_pair.stagger 
_ndb_struct_na_base_pair.buckle 
_ndb_struct_na_base_pair.propeller 
_ndb_struct_na_base_pair.opening 
_ndb_struct_na_base_pair.pair_number 
_ndb_struct_na_base_pair.pair_name 
_ndb_struct_na_base_pair.i_auth_asym_id 
_ndb_struct_na_base_pair.i_auth_seq_id 
_ndb_struct_na_base_pair.i_PDB_ins_code 
_ndb_struct_na_base_pair.j_auth_asym_id 
_ndb_struct_na_base_pair.j_auth_seq_id 
_ndb_struct_na_base_pair.j_PDB_ins_code 
_ndb_struct_na_base_pair.hbond_type_28 
_ndb_struct_na_base_pair.hbond_type_12 
1 A DC 1  1_555 B DG 11 1_555 0.087  -0.143 0.749  15.648  -11.825 -1.247 1 A_DC1:DG22_B  A 1  ? B 22 ? 19 1 
1 A DC 2  1_555 B DG 10 1_555 0.452  -0.189 0.049  13.911  -21.708 -2.774 2 A_DC2:DG21_B  A 2  ? B 21 ? 19 1 
1 A DA 3  1_555 B DT 9  1_555 0.077  -0.010 0.262  9.634   4.296   -1.708 3 A_DA3:DT20_B  A 3  ? B 20 ? 20 1 
1 A DT 4  1_555 B DA 8  1_555 0.154  -0.073 -1.175 37.079  22.680  0.101  4 A_DT4:DA19_B  A 4  ? B 19 ? 20 1 
1 A DC 7  1_555 B DG 5  1_555 0.513  -0.163 0.586  -26.969 -5.033  1.525  5 A_DC7:DG16_B  A 7  ? B 16 ? 19 1 
1 A DT 8  1_555 B DA 4  1_555 -0.074 -0.141 0.826  -2.142  -2.291  2.071  6 A_DT8:DA15_B  A 8  ? B 15 ? 20 1 
1 A DA 9  1_555 B DT 3  1_555 0.223  0.025  -0.014 6.348   -4.114  0.599  7 A_DA9:DT14_B  A 9  ? B 14 ? 20 1 
1 A DC 10 1_555 B DG 2  1_555 0.283  -0.189 -0.246 11.713  -26.150 -0.754 8 A_DC10:DG13_B A 10 ? B 13 ? 19 1 
1 A DC 11 1_555 B DG 1  1_555 2.274  0.372  1.182  -6.229  -25.130 20.956 9 A_DC11:DG12_B A 11 ? B 12 ? ?  1 
# 
loop_
_ndb_struct_na_base_pair_step.model_number 
_ndb_struct_na_base_pair_step.i_label_asym_id_1 
_ndb_struct_na_base_pair_step.i_label_comp_id_1 
_ndb_struct_na_base_pair_step.i_label_seq_id_1 
_ndb_struct_na_base_pair_step.i_symmetry_1 
_ndb_struct_na_base_pair_step.j_label_asym_id_1 
_ndb_struct_na_base_pair_step.j_label_comp_id_1 
_ndb_struct_na_base_pair_step.j_label_seq_id_1 
_ndb_struct_na_base_pair_step.j_symmetry_1 
_ndb_struct_na_base_pair_step.i_label_asym_id_2 
_ndb_struct_na_base_pair_step.i_label_comp_id_2 
_ndb_struct_na_base_pair_step.i_label_seq_id_2 
_ndb_struct_na_base_pair_step.i_symmetry_2 
_ndb_struct_na_base_pair_step.j_label_asym_id_2 
_ndb_struct_na_base_pair_step.j_label_comp_id_2 
_ndb_struct_na_base_pair_step.j_label_seq_id_2 
_ndb_struct_na_base_pair_step.j_symmetry_2 
_ndb_struct_na_base_pair_step.shift 
_ndb_struct_na_base_pair_step.slide 
_ndb_struct_na_base_pair_step.rise 
_ndb_struct_na_base_pair_step.tilt 
_ndb_struct_na_base_pair_step.roll 
_ndb_struct_na_base_pair_step.twist 
_ndb_struct_na_base_pair_step.x_displacement 
_ndb_struct_na_base_pair_step.y_displacement 
_ndb_struct_na_base_pair_step.helical_rise 
_ndb_struct_na_base_pair_step.inclination 
_ndb_struct_na_base_pair_step.tip 
_ndb_struct_na_base_pair_step.helical_twist 
_ndb_struct_na_base_pair_step.step_number 
_ndb_struct_na_base_pair_step.step_name 
_ndb_struct_na_base_pair_step.i_auth_asym_id_1 
_ndb_struct_na_base_pair_step.i_auth_seq_id_1 
_ndb_struct_na_base_pair_step.i_PDB_ins_code_1 
_ndb_struct_na_base_pair_step.j_auth_asym_id_1 
_ndb_struct_na_base_pair_step.j_auth_seq_id_1 
_ndb_struct_na_base_pair_step.j_PDB_ins_code_1 
_ndb_struct_na_base_pair_step.i_auth_asym_id_2 
_ndb_struct_na_base_pair_step.i_auth_seq_id_2 
_ndb_struct_na_base_pair_step.i_PDB_ins_code_2 
_ndb_struct_na_base_pair_step.j_auth_asym_id_2 
_ndb_struct_na_base_pair_step.j_auth_seq_id_2 
_ndb_struct_na_base_pair_step.j_PDB_ins_code_2 
1 A DC 1  1_555 B DG 11 1_555 A DC 2  1_555 B DG 10 1_555 0.288  -1.376 3.381 3.609  -0.307 36.506 -2.143 0.056  3.404 -0.489 
-5.743  36.679 1 AA_DC1DC2:DG21DG22_BB   A 1  ? B 22 ? A 2  ? B 21 ? 
1 A DC 2  1_555 B DG 10 1_555 A DA 3  1_555 B DT 9  1_555 -0.545 -1.349 3.240 -2.502 9.327  27.618 -4.563 0.573  2.689 18.824 
5.050   29.226 2 AA_DC2DA3:DT20DG21_BB   A 2  ? B 21 ? A 3  ? B 20 ? 
1 A DA 3  1_555 B DT 9  1_555 A DT 4  1_555 B DA 8  1_555 1.832  0.225  3.191 7.747  -4.952 29.049 1.462  -1.874 3.469 -9.574 
-14.978 30.439 3 AA_DA3DT4:DA19DT20_BB   A 3  ? B 20 ? A 4  ? B 19 ? 
1 A DC 7  1_555 B DG 5  1_555 A DT 8  1_555 B DA 4  1_555 -0.340 -1.076 2.820 0.454  -2.059 20.124 -2.240 1.149  2.906 -5.872 
-1.294  20.233 4 AA_DC7DT8:DA15DG16_BB   A 7  ? B 16 ? A 8  ? B 15 ? 
1 A DT 8  1_555 B DA 4  1_555 A DA 9  1_555 B DT 3  1_555 -0.229 -1.024 3.007 7.124  5.110  23.564 -3.677 2.371  2.554 11.994 
-16.721 25.120 5 AA_DT8DA9:DT14DA15_BB   A 8  ? B 15 ? A 9  ? B 14 ? 
1 A DA 9  1_555 B DT 3  1_555 A DC 10 1_555 B DG 2  1_555 -1.036 -0.353 3.173 -3.153 -2.851 34.769 -0.163 1.253  3.269 -4.749 
5.252   35.020 6 AA_DA9DC10:DG13DT14_BB  A 9  ? B 14 ? A 10 ? B 13 ? 
1 A DC 10 1_555 B DG 2  1_555 A DC 11 1_555 B DG 1  1_555 2.152  -0.200 3.719 -0.591 6.042  44.815 -0.869 -2.859 3.637 7.883  
0.771   45.204 7 AA_DC10DC11:DG12DG13_BB A 10 ? B 13 ? A 11 ? B 12 ? 
# 
_pdbx_nmr_spectrometer.field_strength    500 
_pdbx_nmr_spectrometer.manufacturer      Bruker 
_pdbx_nmr_spectrometer.model             AVANCE 
_pdbx_nmr_spectrometer.spectrometer_id   1 
_pdbx_nmr_spectrometer.type              'Bruker Avance' 
# 
_atom_sites.entry_id                    2MIW 
_atom_sites.fract_transf_matrix[1][1]   1.000000 
_atom_sites.fract_transf_matrix[1][2]   0.000000 
_atom_sites.fract_transf_matrix[1][3]   0.000000 
_atom_sites.fract_transf_matrix[2][1]   0.000000 
_atom_sites.fract_transf_matrix[2][2]   1.000000 
_atom_sites.fract_transf_matrix[2][3]   0.000000 
_atom_sites.fract_transf_matrix[3][1]   0.000000 
_atom_sites.fract_transf_matrix[3][2]   0.000000 
_atom_sites.fract_transf_matrix[3][3]   1.000000 
_atom_sites.fract_transf_vector[1]      0.00000 
_atom_sites.fract_transf_vector[2]      0.00000 
_atom_sites.fract_transf_vector[3]      0.00000 
# 
loop_
_atom_type.symbol 
C 
H 
N 
O 
P 
# 
loop_
_atom_site.group_PDB 
_atom_site.id 
_atom_site.type_symbol 
_atom_site.label_atom_id 
_atom_site.label_alt_id 
_atom_site.label_comp_id 
_atom_site.label_asym_id 
_atom_site.label_entity_id 
_atom_site.label_seq_id 
_atom_site.pdbx_PDB_ins_code 
_atom_site.Cartn_x 
_atom_site.Cartn_y 
_atom_site.Cartn_z 
_atom_site.occupancy 
_atom_site.B_iso_or_equiv 
_atom_site.pdbx_formal_charge 
_atom_site.auth_seq_id 
_atom_site.auth_comp_id 
_atom_site.auth_asym_id 
_atom_site.auth_atom_id 
_atom_site.pdbx_PDB_model_num 
ATOM   1   O "O5'"  . DC  A 1 1  ? 7.371   -17.789 -7.294  1.00 0.00 ? 1   DC  A "O5'"  1 
ATOM   2   C "C5'"  . DC  A 1 1  ? 7.325   -19.015 -6.554  1.00 0.00 ? 1   DC  A "C5'"  1 
ATOM   3   C "C4'"  . DC  A 1 1  ? 7.639   -18.818 -5.121  1.00 0.00 ? 1   DC  A "C4'"  1 
ATOM   4   O "O4'"  . DC  A 1 1  ? 8.859   -18.238 -4.877  1.00 0.00 ? 1   DC  A "O4'"  1 
ATOM   5   C "C3'"  . DC  A 1 1  ? 6.628   -17.811 -4.459  1.00 0.00 ? 1   DC  A "C3'"  1 
ATOM   6   O "O3'"  . DC  A 1 1  ? 5.900   -18.518 -3.502  1.00 0.00 ? 1   DC  A "O3'"  1 
ATOM   7   C "C2'"  . DC  A 1 1  ? 7.439   -16.725 -3.716  1.00 0.00 ? 1   DC  A "C2'"  1 
ATOM   8   C "C1'"  . DC  A 1 1  ? 8.795   -17.382 -3.701  1.00 0.00 ? 1   DC  A "C1'"  1 
ATOM   9   N N1     . DC  A 1 1  ? 9.979   -16.450 -3.501  1.00 0.00 ? 1   DC  A N1     1 
ATOM   10  C C2     . DC  A 1 1  ? 10.660  -16.311 -2.244  1.00 0.00 ? 1   DC  A C2     1 
ATOM   11  O O2     . DC  A 1 1  ? 10.302  -16.943 -1.261  1.00 0.00 ? 1   DC  A O2     1 
ATOM   12  N N3     . DC  A 1 1  ? 11.724  -15.451 -2.091  1.00 0.00 ? 1   DC  A N3     1 
ATOM   13  C C4     . DC  A 1 1  ? 12.045  -14.791 -3.231  1.00 0.00 ? 1   DC  A C4     1 
ATOM   14  N N4     . DC  A 1 1  ? 13.143  -14.122 -3.257  1.00 0.00 ? 1   DC  A N4     1 
ATOM   15  C C5     . DC  A 1 1  ? 11.364  -14.858 -4.462  1.00 0.00 ? 1   DC  A C5     1 
ATOM   16  C C6     . DC  A 1 1  ? 10.384  -15.780 -4.610  1.00 0.00 ? 1   DC  A C6     1 
ATOM   17  H "H5'"  . DC  A 1 1  ? 8.001   -19.725 -7.030  1.00 0.00 ? 1   DC  A "H5'"  1 
ATOM   18  H "H5''" . DC  A 1 1  ? 6.280   -19.325 -6.566  1.00 0.00 ? 1   DC  A "H5''" 1 
ATOM   19  H "H4'"  . DC  A 1 1  ? 7.583   -19.724 -4.519  1.00 0.00 ? 1   DC  A "H4'"  1 
ATOM   20  H "H3'"  . DC  A 1 1  ? 5.927   -17.380 -5.175  1.00 0.00 ? 1   DC  A "H3'"  1 
ATOM   21  H "H2'"  . DC  A 1 1  ? 7.522   -15.870 -4.386  1.00 0.00 ? 1   DC  A "H2'"  1 
ATOM   22  H "H2''" . DC  A 1 1  ? 7.121   -16.400 -2.725  1.00 0.00 ? 1   DC  A "H2''" 1 
ATOM   23  H "H1'"  . DC  A 1 1  ? 8.826   -18.074 -2.859  1.00 0.00 ? 1   DC  A "H1'"  1 
ATOM   24  H H41    . DC  A 1 1  ? 13.550  -14.003 -4.174  1.00 0.00 ? 1   DC  A H41    1 
ATOM   25  H H42    . DC  A 1 1  ? 13.633  -14.110 -2.375  1.00 0.00 ? 1   DC  A H42    1 
ATOM   26  H H5     . DC  A 1 1  ? 11.642  -14.258 -5.315  1.00 0.00 ? 1   DC  A H5     1 
ATOM   27  H H6     . DC  A 1 1  ? 9.847   -15.978 -5.526  1.00 0.00 ? 1   DC  A H6     1 
ATOM   28  H "HO5'" . DC  A 1 1  ? 8.254   -17.639 -7.640  1.00 0.00 ? 1   DC  A "HO5'" 1 
ATOM   29  P P      . DC  A 1 2  ? 4.509   -17.934 -2.869  1.00 0.00 ? 2   DC  A P      1 
ATOM   30  O OP1    . DC  A 1 2  ? 3.811   -19.183 -2.505  1.00 0.00 ? 2   DC  A OP1    1 
ATOM   31  O OP2    . DC  A 1 2  ? 3.856   -17.017 -3.835  1.00 0.00 ? 2   DC  A OP2    1 
ATOM   32  O "O5'"  . DC  A 1 2  ? 4.852   -17.216 -1.439  1.00 0.00 ? 2   DC  A "O5'"  1 
ATOM   33  C "C5'"  . DC  A 1 2  ? 5.480   -17.938 -0.339  1.00 0.00 ? 2   DC  A "C5'"  1 
ATOM   34  C "C4'"  . DC  A 1 2  ? 6.300   -17.032 0.589   1.00 0.00 ? 2   DC  A "C4'"  1 
ATOM   35  O "O4'"  . DC  A 1 2  ? 7.193   -16.275 -0.258  1.00 0.00 ? 2   DC  A "O4'"  1 
ATOM   36  C "C3'"  . DC  A 1 2  ? 5.453   -15.932 1.283   1.00 0.00 ? 2   DC  A "C3'"  1 
ATOM   37  O "O3'"  . DC  A 1 2  ? 5.234   -16.278 2.673   1.00 0.00 ? 2   DC  A "O3'"  1 
ATOM   38  C "C2'"  . DC  A 1 2  ? 6.241   -14.625 1.047   1.00 0.00 ? 2   DC  A "C2'"  1 
ATOM   39  C "C1'"  . DC  A 1 2  ? 7.566   -15.193 0.650   1.00 0.00 ? 2   DC  A "C1'"  1 
ATOM   40  N N1     . DC  A 1 2  ? 8.415   -14.167 -0.066  1.00 0.00 ? 2   DC  A N1     1 
ATOM   41  C C2     . DC  A 1 2  ? 9.592   -13.662 0.551   1.00 0.00 ? 2   DC  A C2     1 
ATOM   42  O O2     . DC  A 1 2  ? 9.871   -13.967 1.648   1.00 0.00 ? 2   DC  A O2     1 
ATOM   43  N N3     . DC  A 1 2  ? 10.367  -12.798 -0.127  1.00 0.00 ? 2   DC  A N3     1 
ATOM   44  C C4     . DC  A 1 2  ? 10.042  -12.435 -1.346  1.00 0.00 ? 2   DC  A C4     1 
ATOM   45  N N4     . DC  A 1 2  ? 10.732  -11.466 -1.798  1.00 0.00 ? 2   DC  A N4     1 
ATOM   46  C C5     . DC  A 1 2  ? 8.898   -13.011 -2.038  1.00 0.00 ? 2   DC  A C5     1 
ATOM   47  C C6     . DC  A 1 2  ? 8.089   -13.813 -1.330  1.00 0.00 ? 2   DC  A C6     1 
ATOM   48  H "H5'"  . DC  A 1 2  ? 6.228   -18.672 -0.638  1.00 0.00 ? 2   DC  A "H5'"  1 
ATOM   49  H "H5''" . DC  A 1 2  ? 4.684   -18.314 0.304   1.00 0.00 ? 2   DC  A "H5''" 1 
ATOM   50  H "H4'"  . DC  A 1 2  ? 6.880   -17.515 1.375   1.00 0.00 ? 2   DC  A "H4'"  1 
ATOM   51  H "H3'"  . DC  A 1 2  ? 4.478   -15.802 0.812   1.00 0.00 ? 2   DC  A "H3'"  1 
ATOM   52  H "H2'"  . DC  A 1 2  ? 5.722   -14.120 0.232   1.00 0.00 ? 2   DC  A "H2'"  1 
ATOM   53  H "H2''" . DC  A 1 2  ? 6.323   -13.902 1.860   1.00 0.00 ? 2   DC  A "H2''" 1 
ATOM   54  H "H1'"  . DC  A 1 2  ? 8.011   -15.598 1.558   1.00 0.00 ? 2   DC  A "H1'"  1 
ATOM   55  H H41    . DC  A 1 2  ? 10.494  -11.104 -2.710  1.00 0.00 ? 2   DC  A H41    1 
ATOM   56  H H42    . DC  A 1 2  ? 11.618  -11.168 -1.415  1.00 0.00 ? 2   DC  A H42    1 
ATOM   57  H H5     . DC  A 1 2  ? 8.617   -12.750 -3.048  1.00 0.00 ? 2   DC  A H5     1 
ATOM   58  H H6     . DC  A 1 2  ? 7.286   -14.312 -1.853  1.00 0.00 ? 2   DC  A H6     1 
ATOM   59  P P      . DA  A 1 3  ? 4.014   -15.718 3.503   1.00 0.00 ? 3   DA  A P      1 
ATOM   60  O OP1    . DA  A 1 3  ? 3.817   -16.561 4.706   1.00 0.00 ? 3   DA  A OP1    1 
ATOM   61  O OP2    . DA  A 1 3  ? 2.949   -15.380 2.606   1.00 0.00 ? 3   DA  A OP2    1 
ATOM   62  O "O5'"  . DA  A 1 3  ? 4.753   -14.342 3.993   1.00 0.00 ? 3   DA  A "O5'"  1 
ATOM   63  C "C5'"  . DA  A 1 3  ? 5.651   -14.258 5.038   1.00 0.00 ? 3   DA  A "C5'"  1 
ATOM   64  C "C4'"  . DA  A 1 3  ? 6.037   -12.845 5.440   1.00 0.00 ? 3   DA  A "C4'"  1 
ATOM   65  O "O4'"  . DA  A 1 3  ? 7.149   -12.332 4.623   1.00 0.00 ? 3   DA  A "O4'"  1 
ATOM   66  C "C3'"  . DA  A 1 3  ? 4.929   -11.800 5.377   1.00 0.00 ? 3   DA  A "C3'"  1 
ATOM   67  O "O3'"  . DA  A 1 3  ? 4.842   -11.323 6.760   1.00 0.00 ? 3   DA  A "O3'"  1 
ATOM   68  C "C2'"  . DA  A 1 3  ? 5.445   -10.834 4.277   1.00 0.00 ? 3   DA  A "C2'"  1 
ATOM   69  C "C1'"  . DA  A 1 3  ? 6.941   -10.968 4.448   1.00 0.00 ? 3   DA  A "C1'"  1 
ATOM   70  N N9     . DA  A 1 3  ? 7.563   -10.668 3.109   1.00 0.00 ? 3   DA  A N9     1 
ATOM   71  C C8     . DA  A 1 3  ? 7.152   -10.995 1.816   1.00 0.00 ? 3   DA  A C8     1 
ATOM   72  N N7     . DA  A 1 3  ? 7.928   -10.712 0.840   1.00 0.00 ? 3   DA  A N7     1 
ATOM   73  C C5     . DA  A 1 3  ? 8.911   -9.938  1.471   1.00 0.00 ? 3   DA  A C5     1 
ATOM   74  C C6     . DA  A 1 3  ? 10.040  -9.139  1.087   1.00 0.00 ? 3   DA  A C6     1 
ATOM   75  N N6     . DA  A 1 3  ? 10.450  -8.970  -0.134  1.00 0.00 ? 3   DA  A N6     1 
ATOM   76  N N1     . DA  A 1 3  ? 10.742  -8.524  2.034   1.00 0.00 ? 3   DA  A N1     1 
ATOM   77  C C2     . DA  A 1 3  ? 10.452  -8.624  3.292   1.00 0.00 ? 3   DA  A C2     1 
ATOM   78  N N3     . DA  A 1 3  ? 9.459   -9.314  3.833   1.00 0.00 ? 3   DA  A N3     1 
ATOM   79  C C4     . DA  A 1 3  ? 8.717   -9.940  2.883   1.00 0.00 ? 3   DA  A C4     1 
ATOM   80  H "H5'"  . DA  A 1 3  ? 6.528   -14.769 4.642   1.00 0.00 ? 3   DA  A "H5'"  1 
ATOM   81  H "H5''" . DA  A 1 3  ? 5.353   -14.900 5.866   1.00 0.00 ? 3   DA  A "H5''" 1 
ATOM   82  H "H4'"  . DA  A 1 3  ? 6.329   -13.010 6.478   1.00 0.00 ? 3   DA  A "H4'"  1 
ATOM   83  H "H3'"  . DA  A 1 3  ? 4.012   -12.243 4.991   1.00 0.00 ? 3   DA  A "H3'"  1 
ATOM   84  H "H2'"  . DA  A 1 3  ? 5.060   -11.199 3.325   1.00 0.00 ? 3   DA  A "H2'"  1 
ATOM   85  H "H2''" . DA  A 1 3  ? 5.140   -9.827  4.562   1.00 0.00 ? 3   DA  A "H2''" 1 
ATOM   86  H "H1'"  . DA  A 1 3  ? 7.312   -10.313 5.236   1.00 0.00 ? 3   DA  A "H1'"  1 
ATOM   87  H H8     . DA  A 1 3  ? 6.345   -11.677 1.591   1.00 0.00 ? 3   DA  A H8     1 
ATOM   88  H H61    . DA  A 1 3  ? 11.219  -8.334  -0.294  1.00 0.00 ? 3   DA  A H61    1 
ATOM   89  H H62    . DA  A 1 3  ? 9.953   -9.464  -0.859  1.00 0.00 ? 3   DA  A H62    1 
ATOM   90  H H2     . DA  A 1 3  ? 11.043  -7.946  3.891   1.00 0.00 ? 3   DA  A H2     1 
ATOM   91  P P      . DT  A 1 4  ? 3.691   -10.357 7.400   1.00 0.00 ? 4   DT  A P      1 
ATOM   92  O OP1    . DT  A 1 4  ? 3.793   -10.469 8.894   1.00 0.00 ? 4   DT  A OP1    1 
ATOM   93  O OP2    . DT  A 1 4  ? 2.438   -10.771 6.780   1.00 0.00 ? 4   DT  A OP2    1 
ATOM   94  O "O5'"  . DT  A 1 4  ? 3.924   -8.912  6.787   1.00 0.00 ? 4   DT  A "O5'"  1 
ATOM   95  C "C5'"  . DT  A 1 4  ? 4.832   -7.974  7.367   1.00 0.00 ? 4   DT  A "C5'"  1 
ATOM   96  C "C4'"  . DT  A 1 4  ? 5.254   -6.831  6.486   1.00 0.00 ? 4   DT  A "C4'"  1 
ATOM   97  O "O4'"  . DT  A 1 4  ? 5.963   -7.209  5.350   1.00 0.00 ? 4   DT  A "O4'"  1 
ATOM   98  C "C3'"  . DT  A 1 4  ? 4.142   -5.871  6.148   1.00 0.00 ? 4   DT  A "C3'"  1 
ATOM   99  O "O3'"  . DT  A 1 4  ? 4.622   -4.612  6.661   1.00 0.00 ? 4   DT  A "O3'"  1 
ATOM   100 C "C2'"  . DT  A 1 4  ? 4.196   -5.869  4.712   1.00 0.00 ? 4   DT  A "C2'"  1 
ATOM   101 C "C1'"  . DT  A 1 4  ? 5.635   -6.177  4.358   1.00 0.00 ? 4   DT  A "C1'"  1 
ATOM   102 N N1     . DT  A 1 4  ? 5.763   -6.723  2.999   1.00 0.00 ? 4   DT  A N1     1 
ATOM   103 C C2     . DT  A 1 4  ? 7.017   -6.576  2.398   1.00 0.00 ? 4   DT  A C2     1 
ATOM   104 O O2     . DT  A 1 4  ? 7.968   -5.986  2.873   1.00 0.00 ? 4   DT  A O2     1 
ATOM   105 N N3     . DT  A 1 4  ? 7.152   -7.053  1.072   1.00 0.00 ? 4   DT  A N3     1 
ATOM   106 C C4     . DT  A 1 4  ? 6.139   -7.632  0.341   1.00 0.00 ? 4   DT  A C4     1 
ATOM   107 O O4     . DT  A 1 4  ? 6.300   -7.822  -0.884  1.00 0.00 ? 4   DT  A O4     1 
ATOM   108 C C5     . DT  A 1 4  ? 4.951   -7.942  1.072   1.00 0.00 ? 4   DT  A C5     1 
ATOM   109 C C7     . DT  A 1 4  ? 3.837   -8.770  0.434   1.00 0.00 ? 4   DT  A C7     1 
ATOM   110 C C6     . DT  A 1 4  ? 4.836   -7.469  2.339   1.00 0.00 ? 4   DT  A C6     1 
ATOM   111 H "H5'"  . DT  A 1 4  ? 5.710   -8.580  7.591   1.00 0.00 ? 4   DT  A "H5'"  1 
ATOM   112 H "H5''" . DT  A 1 4  ? 4.497   -7.454  8.265   1.00 0.00 ? 4   DT  A "H5''" 1 
ATOM   113 H "H4'"  . DT  A 1 4  ? 5.967   -6.210  7.029   1.00 0.00 ? 4   DT  A "H4'"  1 
ATOM   114 H "H3'"  . DT  A 1 4  ? 3.141   -6.140  6.483   1.00 0.00 ? 4   DT  A "H3'"  1 
ATOM   115 H "H2'"  . DT  A 1 4  ? 3.502   -6.616  4.324   1.00 0.00 ? 4   DT  A "H2'"  1 
ATOM   116 H "H2''" . DT  A 1 4  ? 3.949   -4.868  4.359   1.00 0.00 ? 4   DT  A "H2''" 1 
ATOM   117 H "H1'"  . DT  A 1 4  ? 6.118   -5.204  4.450   1.00 0.00 ? 4   DT  A "H1'"  1 
ATOM   118 H H3     . DT  A 1 4  ? 8.077   -7.002  0.673   1.00 0.00 ? 4   DT  A H3     1 
ATOM   119 H H71    . DT  A 1 4  ? 4.156   -9.463  -0.345  1.00 0.00 ? 4   DT  A H71    1 
ATOM   120 H H72    . DT  A 1 4  ? 3.317   -9.275  1.246   1.00 0.00 ? 4   DT  A H72    1 
ATOM   121 H H73    . DT  A 1 4  ? 3.071   -8.186  -0.077  1.00 0.00 ? 4   DT  A H73    1 
ATOM   122 H H6     . DT  A 1 4  ? 3.956   -7.776  2.884   1.00 0.00 ? 4   DT  A H6     1 
ATOM   123 P P      . DC  A 1 5  ? 4.113   -3.914  8.027   1.00 0.00 ? 5   DC  A P      1 
ATOM   124 O OP1    . DC  A 1 5  ? 4.763   -2.601  8.100   1.00 0.00 ? 5   DC  A OP1    1 
ATOM   125 O OP2    . DC  A 1 5  ? 4.228   -4.963  9.111   1.00 0.00 ? 5   DC  A OP2    1 
ATOM   126 O "O5'"  . DC  A 1 5  ? 2.612   -3.804  7.803   1.00 0.00 ? 5   DC  A "O5'"  1 
ATOM   127 C "C5'"  . DC  A 1 5  ? 2.098   -3.047  6.743   1.00 0.00 ? 5   DC  A "C5'"  1 
ATOM   128 C "C4'"  . DC  A 1 5  ? 0.591   -3.008  6.725   1.00 0.00 ? 5   DC  A "C4'"  1 
ATOM   129 O "O4'"  . DC  A 1 5  ? 0.236   -2.540  5.412   1.00 0.00 ? 5   DC  A "O4'"  1 
ATOM   130 C "C3'"  . DC  A 1 5  ? -0.016  -4.384  6.815   1.00 0.00 ? 5   DC  A "C3'"  1 
ATOM   131 O "O3'"  . DC  A 1 5  ? -1.240  -4.445  7.581   1.00 0.00 ? 5   DC  A "O3'"  1 
ATOM   132 C "C2'"  . DC  A 1 5  ? -0.266  -4.853  5.394   1.00 0.00 ? 5   DC  A "C2'"  1 
ATOM   133 C "C1'"  . DC  A 1 5  ? -0.765  -3.469  4.931   1.00 0.00 ? 5   DC  A "C1'"  1 
ATOM   134 N N1     . DC  A 1 5  ? -1.043  -3.649  3.459   1.00 0.00 ? 5   DC  A N1     1 
ATOM   135 C C2     . DC  A 1 5  ? 0.092   -3.553  2.611   1.00 0.00 ? 5   DC  A C2     1 
ATOM   136 O O2     . DC  A 1 5  ? 1.202   -3.651  3.085   1.00 0.00 ? 5   DC  A O2     1 
ATOM   137 N N3     . DC  A 1 5  ? -0.089  -3.482  1.207   1.00 0.00 ? 5   DC  A N3     1 
ATOM   138 C C4     . DC  A 1 5  ? -1.371  -3.454  0.748   1.00 0.00 ? 5   DC  A C4     1 
ATOM   139 N N4     . DC  A 1 5  ? -1.525  -3.538  -0.513  1.00 0.00 ? 5   DC  A N4     1 
ATOM   140 C C5     . DC  A 1 5  ? -2.488  -3.519  1.611   1.00 0.00 ? 5   DC  A C5     1 
ATOM   141 C C6     . DC  A 1 5  ? -2.296  -3.625  2.987   1.00 0.00 ? 5   DC  A C6     1 
ATOM   142 H "H5'"  . DC  A 1 5  ? 2.536   -3.361  5.796   1.00 0.00 ? 5   DC  A "H5'"  1 
ATOM   143 H "H5''" . DC  A 1 5  ? 2.364   -2.000  6.883   1.00 0.00 ? 5   DC  A "H5''" 1 
ATOM   144 H "H4'"  . DC  A 1 5  ? 0.196   -2.365  7.510   1.00 0.00 ? 5   DC  A "H4'"  1 
ATOM   145 H "H3'"  . DC  A 1 5  ? 0.609   -5.146  7.281   1.00 0.00 ? 5   DC  A "H3'"  1 
ATOM   146 H "H2'"  . DC  A 1 5  ? 0.695   -5.084  4.932   1.00 0.00 ? 5   DC  A "H2'"  1 
ATOM   147 H "H2''" . DC  A 1 5  ? -1.050  -5.608  5.380   1.00 0.00 ? 5   DC  A "H2''" 1 
ATOM   148 H "H1'"  . DC  A 1 5  ? -1.746  -3.354  5.392   1.00 0.00 ? 5   DC  A "H1'"  1 
ATOM   149 H H41    . DC  A 1 5  ? -2.479  -3.606  -0.837  1.00 0.00 ? 5   DC  A H41    1 
ATOM   150 H H42    . DC  A 1 5  ? -0.821  -3.774  -1.198  1.00 0.00 ? 5   DC  A H42    1 
ATOM   151 H H5     . DC  A 1 5  ? -3.497  -3.664  1.254   1.00 0.00 ? 5   DC  A H5     1 
ATOM   152 H H6     . DC  A 1 5  ? -3.137  -3.791  3.646   1.00 0.00 ? 5   DC  A H6     1 
ATOM   153 P P      . DG  A 1 6  ? -1.378  -4.732  9.158   1.00 0.00 ? 6   DG  A P      1 
ATOM   154 O OP1    . DG  A 1 6  ? -0.133  -5.323  9.634   1.00 0.00 ? 6   DG  A OP1    1 
ATOM   155 O OP2    . DG  A 1 6  ? -2.599  -5.488  9.365   1.00 0.00 ? 6   DG  A OP2    1 
ATOM   156 O "O5'"  . DG  A 1 6  ? -1.496  -3.408  9.948   1.00 0.00 ? 6   DG  A "O5'"  1 
ATOM   157 C "C5'"  . DG  A 1 6  ? -2.564  -2.497  9.700   1.00 0.00 ? 6   DG  A "C5'"  1 
ATOM   158 C "C4'"  . DG  A 1 6  ? -2.269  -1.437  8.604   1.00 0.00 ? 6   DG  A "C4'"  1 
ATOM   159 O "O4'"  . DG  A 1 6  ? -2.626  -1.872  7.257   1.00 0.00 ? 6   DG  A "O4'"  1 
ATOM   160 C "C3'"  . DG  A 1 6  ? -3.193  -0.227  8.668   1.00 0.00 ? 6   DG  A "C3'"  1 
ATOM   161 O "O3'"  . DG  A 1 6  ? -2.790  0.518   9.759   1.00 0.00 ? 6   DG  A "O3'"  1 
ATOM   162 C "C2'"  . DG  A 1 6  ? -2.879  0.415   7.347   1.00 0.00 ? 6   DG  A "C2'"  1 
ATOM   163 C "C1'"  . DG  A 1 6  ? -2.523  -0.746  6.494   1.00 0.00 ? 6   DG  A "C1'"  1 
ATOM   164 N N9     . DG  A 1 6  ? -3.132  -0.808  5.128   1.00 0.00 ? 6   DG  A N9     1 
ATOM   165 C C8     . DG  A 1 6  ? -4.436  -1.277  4.876   1.00 0.00 ? 6   DG  A C8     1 
ATOM   166 N N7     . DG  A 1 6  ? -4.721  -1.254  3.619   1.00 0.00 ? 6   DG  A N7     1 
ATOM   167 C C5     . DG  A 1 6  ? -3.631  -0.623  2.974   1.00 0.00 ? 6   DG  A C5     1 
ATOM   168 C C6     . DG  A 1 6  ? -3.418  -0.217  1.613   1.00 0.00 ? 6   DG  A C6     1 
ATOM   169 O O6     . DG  A 1 6  ? -4.087  -0.541  0.633   1.00 0.00 ? 6   DG  A O6     1 
ATOM   170 N N1     . DG  A 1 6  ? -2.385  0.683   1.519   1.00 0.00 ? 6   DG  A N1     1 
ATOM   171 C C2     . DG  A 1 6  ? -1.522  1.029   2.532   1.00 0.00 ? 6   DG  A C2     1 
ATOM   172 N N2     . DG  A 1 6  ? -0.663  1.965   2.126   1.00 0.00 ? 6   DG  A N2     1 
ATOM   173 N N3     . DG  A 1 6  ? -1.633  0.517   3.773   1.00 0.00 ? 6   DG  A N3     1 
ATOM   174 C C4     . DG  A 1 6  ? -2.698  -0.229  3.959   1.00 0.00 ? 6   DG  A C4     1 
ATOM   175 H "H5'"  . DG  A 1 6  ? -2.506  -1.908  10.614  1.00 0.00 ? 6   DG  A "H5'"  1 
ATOM   176 H "H5''" . DG  A 1 6  ? -3.517  -3.007  9.561   1.00 0.00 ? 6   DG  A "H5''" 1 
ATOM   177 H "H4'"  . DG  A 1 6  ? -1.242  -1.071  8.610   1.00 0.00 ? 6   DG  A "H4'"  1 
ATOM   178 H "H3'"  . DG  A 1 6  ? -4.220  -0.592  8.640   1.00 0.00 ? 6   DG  A "H3'"  1 
ATOM   179 H "H2'"  . DG  A 1 6  ? -3.703  0.944   6.870   1.00 0.00 ? 6   DG  A "H2'"  1 
ATOM   180 H "H2''" . DG  A 1 6  ? -1.988  1.036   7.431   1.00 0.00 ? 6   DG  A "H2''" 1 
ATOM   181 H "H1'"  . DG  A 1 6  ? -1.446  -0.790  6.326   1.00 0.00 ? 6   DG  A "H1'"  1 
ATOM   182 H H8     . DG  A 1 6  ? -5.037  -1.734  5.647   1.00 0.00 ? 6   DG  A H8     1 
ATOM   183 H H1     . DG  A 1 6  ? -2.210  1.126   0.628   1.00 0.00 ? 6   DG  A H1     1 
ATOM   184 H H22    . DG  A 1 6  ? -0.734  2.314   1.181   1.00 0.00 ? 6   DG  A H22    1 
ATOM   185 P P      . DC  A 1 7  ? -3.662  1.631   10.450  1.00 0.00 ? 7   DC  A P      1 
ATOM   186 O OP1    . DC  A 1 7  ? -2.897  1.974   11.644  1.00 0.00 ? 7   DC  A OP1    1 
ATOM   187 O OP2    . DC  A 1 7  ? -5.060  1.101   10.633  1.00 0.00 ? 7   DC  A OP2    1 
ATOM   188 O "O5'"  . DC  A 1 7  ? -3.734  2.816   9.443   1.00 0.00 ? 7   DC  A "O5'"  1 
ATOM   189 C "C5'"  . DC  A 1 7  ? -2.636  3.543   9.049   1.00 0.00 ? 7   DC  A "C5'"  1 
ATOM   190 C "C4'"  . DC  A 1 7  ? -2.980  4.624   8.009   1.00 0.00 ? 7   DC  A "C4'"  1 
ATOM   191 O "O4'"  . DC  A 1 7  ? -3.200  4.124   6.710   1.00 0.00 ? 7   DC  A "O4'"  1 
ATOM   192 C "C3'"  . DC  A 1 7  ? -4.276  5.485   8.347   1.00 0.00 ? 7   DC  A "C3'"  1 
ATOM   193 O "O3'"  . DC  A 1 7  ? -4.047  6.858   8.621   1.00 0.00 ? 7   DC  A "O3'"  1 
ATOM   194 C "C2'"  . DC  A 1 7  ? -5.106  5.325   7.050   1.00 0.00 ? 7   DC  A "C2'"  1 
ATOM   195 C "C1'"  . DC  A 1 7  ? -4.094  4.892   5.945   1.00 0.00 ? 7   DC  A "C1'"  1 
ATOM   196 N N1     . DC  A 1 7  ? -4.613  4.083   4.873   1.00 0.00 ? 7   DC  A N1     1 
ATOM   197 C C2     . DC  A 1 7  ? -4.862  4.622   3.606   1.00 0.00 ? 7   DC  A C2     1 
ATOM   198 O O2     . DC  A 1 7  ? -4.692  5.835   3.435   1.00 0.00 ? 7   DC  A O2     1 
ATOM   199 N N3     . DC  A 1 7  ? -5.267  3.833   2.567   1.00 0.00 ? 7   DC  A N3     1 
ATOM   200 C C4     . DC  A 1 7  ? -5.620  2.602   2.899   1.00 0.00 ? 7   DC  A C4     1 
ATOM   201 N N4     . DC  A 1 7  ? -6.046  1.892   1.892   1.00 0.00 ? 7   DC  A N4     1 
ATOM   202 C C5     . DC  A 1 7  ? -5.641  2.118   4.250   1.00 0.00 ? 7   DC  A C5     1 
ATOM   203 C C6     . DC  A 1 7  ? -5.174  2.874   5.223   1.00 0.00 ? 7   DC  A C6     1 
ATOM   204 H "H5'"  . DC  A 1 7  ? -1.851  2.883   8.682   1.00 0.00 ? 7   DC  A "H5'"  1 
ATOM   205 H "H5''" . DC  A 1 7  ? -2.156  3.978   9.926   1.00 0.00 ? 7   DC  A "H5''" 1 
ATOM   206 H "H4'"  . DC  A 1 7  ? -2.151  5.332   7.998   1.00 0.00 ? 7   DC  A "H4'"  1 
ATOM   207 H "H3'"  . DC  A 1 7  ? -4.785  5.090   9.228   1.00 0.00 ? 7   DC  A "H3'"  1 
ATOM   208 H "H2'"  . DC  A 1 7  ? -5.865  4.578   7.277   1.00 0.00 ? 7   DC  A "H2'"  1 
ATOM   209 H "H2''" . DC  A 1 7  ? -5.568  6.262   6.740   1.00 0.00 ? 7   DC  A "H2''" 1 
ATOM   210 H "H1'"  . DC  A 1 7  ? -3.577  5.787   5.600   1.00 0.00 ? 7   DC  A "H1'"  1 
ATOM   211 H H41    . DC  A 1 7  ? -6.302  0.928   2.055   1.00 0.00 ? 7   DC  A H41    1 
ATOM   212 H H42    . DC  A 1 7  ? -5.806  2.273   0.987   1.00 0.00 ? 7   DC  A H42    1 
ATOM   213 H H5     . DC  A 1 7  ? -5.959  1.133   4.558   1.00 0.00 ? 7   DC  A H5     1 
ATOM   214 H H6     . DC  A 1 7  ? -5.156  2.525   6.244   1.00 0.00 ? 7   DC  A H6     1 
ATOM   215 P P      . DT  A 1 8  ? -5.304  7.846   8.987   1.00 0.00 ? 8   DT  A P      1 
ATOM   216 O OP1    . DT  A 1 8  ? -4.652  8.873   9.839   1.00 0.00 ? 8   DT  A OP1    1 
ATOM   217 O OP2    . DT  A 1 8  ? -6.455  7.085   9.586   1.00 0.00 ? 8   DT  A OP2    1 
ATOM   218 O "O5'"  . DT  A 1 8  ? -5.770  8.487   7.523   1.00 0.00 ? 8   DT  A "O5'"  1 
ATOM   219 C "C5'"  . DT  A 1 8  ? -4.831  9.217   6.746   1.00 0.00 ? 8   DT  A "C5'"  1 
ATOM   220 C "C4'"  . DT  A 1 8  ? -5.544  9.666   5.435   1.00 0.00 ? 8   DT  A "C4'"  1 
ATOM   221 O "O4'"  . DT  A 1 8  ? -5.908  8.438   4.844   1.00 0.00 ? 8   DT  A "O4'"  1 
ATOM   222 C "C3'"  . DT  A 1 8  ? -6.864  10.452  5.577   1.00 0.00 ? 8   DT  A "C3'"  1 
ATOM   223 O "O3'"  . DT  A 1 8  ? -6.696  11.826  5.250   1.00 0.00 ? 8   DT  A "O3'"  1 
ATOM   224 C "C2'"  . DT  A 1 8  ? -7.668  9.764   4.581   1.00 0.00 ? 8   DT  A "C2'"  1 
ATOM   225 C "C1'"  . DT  A 1 8  ? -6.806  8.819   3.863   1.00 0.00 ? 8   DT  A "C1'"  1 
ATOM   226 N N1     . DT  A 1 8  ? -7.400  7.643   3.258   1.00 0.00 ? 8   DT  A N1     1 
ATOM   227 C C2     . DT  A 1 8  ? -7.407  7.503   1.923   1.00 0.00 ? 8   DT  A C2     1 
ATOM   228 O O2     . DT  A 1 8  ? -6.925  8.299   1.120   1.00 0.00 ? 8   DT  A O2     1 
ATOM   229 N N3     . DT  A 1 8  ? -7.900  6.382   1.366   1.00 0.00 ? 8   DT  A N3     1 
ATOM   230 C C4     . DT  A 1 8  ? -8.415  5.287   2.090   1.00 0.00 ? 8   DT  A C4     1 
ATOM   231 O O4     . DT  A 1 8  ? -8.630  4.221   1.465   1.00 0.00 ? 8   DT  A O4     1 
ATOM   232 C C5     . DT  A 1 8  ? -8.396  5.500   3.489   1.00 0.00 ? 8   DT  A C5     1 
ATOM   233 C C7     . DT  A 1 8  ? -8.771  4.342   4.411   1.00 0.00 ? 8   DT  A C7     1 
ATOM   234 C C6     . DT  A 1 8  ? -7.968  6.598   4.090   1.00 0.00 ? 8   DT  A C6     1 
ATOM   235 H "H5'"  . DT  A 1 8  ? -4.062  8.476   6.526   1.00 0.00 ? 8   DT  A "H5'"  1 
ATOM   236 H "H5''" . DT  A 1 8  ? -4.423  9.995   7.392   1.00 0.00 ? 8   DT  A "H5''" 1 
ATOM   237 H "H4'"  . DT  A 1 8  ? -4.897  10.259  4.790   1.00 0.00 ? 8   DT  A "H4'"  1 
ATOM   238 H "H3'"  . DT  A 1 8  ? -7.420  10.316  6.505   1.00 0.00 ? 8   DT  A "H3'"  1 
ATOM   239 H "H2'"  . DT  A 1 8  ? -8.448  9.207   5.100   1.00 0.00 ? 8   DT  A "H2'"  1 
ATOM   240 H "H2''" . DT  A 1 8  ? -8.058  10.477  3.855   1.00 0.00 ? 8   DT  A "H2''" 1 
ATOM   241 H "H1'"  . DT  A 1 8  ? -6.356  9.326   3.009   1.00 0.00 ? 8   DT  A "H1'"  1 
ATOM   242 H H3     . DT  A 1 8  ? -7.772  6.274   0.370   1.00 0.00 ? 8   DT  A H3     1 
ATOM   243 H H71    . DT  A 1 8  ? -9.832  4.102   4.331   1.00 0.00 ? 8   DT  A H71    1 
ATOM   244 H H72    . DT  A 1 8  ? -8.142  3.466   4.254   1.00 0.00 ? 8   DT  A H72    1 
ATOM   245 H H73    . DT  A 1 8  ? -8.734  4.737   5.427   1.00 0.00 ? 8   DT  A H73    1 
ATOM   246 H H6     . DT  A 1 8  ? -7.815  6.717   5.152   1.00 0.00 ? 8   DT  A H6     1 
ATOM   247 P P      . DA  A 1 9  ? -7.929  12.879  5.521   1.00 0.00 ? 9   DA  A P      1 
ATOM   248 O OP1    . DA  A 1 9  ? -7.246  14.185  5.736   1.00 0.00 ? 9   DA  A OP1    1 
ATOM   249 O OP2    . DA  A 1 9  ? -8.777  12.404  6.574   1.00 0.00 ? 9   DA  A OP2    1 
ATOM   250 O "O5'"  . DA  A 1 9  ? -8.617  12.838  4.084   1.00 0.00 ? 9   DA  A "O5'"  1 
ATOM   251 C "C5'"  . DA  A 1 9  ? -8.029  13.448  2.915   1.00 0.00 ? 9   DA  A "C5'"  1 
ATOM   252 C "C4'"  . DA  A 1 9  ? -8.825  13.069  1.620   1.00 0.00 ? 9   DA  A "C4'"  1 
ATOM   253 O "O4'"  . DA  A 1 9  ? -8.777  11.678  1.341   1.00 0.00 ? 9   DA  A "O4'"  1 
ATOM   254 C "C3'"  . DA  A 1 9  ? -10.323 13.382  1.671   1.00 0.00 ? 9   DA  A "C3'"  1 
ATOM   255 O "O3'"  . DA  A 1 9  ? -10.632 14.050  0.450   1.00 0.00 ? 9   DA  A "O3'"  1 
ATOM   256 C "C2'"  . DA  A 1 9  ? -11.082 12.121  1.501   1.00 0.00 ? 9   DA  A "C2'"  1 
ATOM   257 C "C1'"  . DA  A 1 9  ? -10.047 11.294  0.768   1.00 0.00 ? 9   DA  A "C1'"  1 
ATOM   258 N N9     . DA  A 1 9  ? -10.310 9.850   0.810   1.00 0.00 ? 9   DA  A N9     1 
ATOM   259 C C8     . DA  A 1 9  ? -10.636 9.062   1.856   1.00 0.00 ? 9   DA  A C8     1 
ATOM   260 N N7     . DA  A 1 9  ? -10.773 7.785   1.581   1.00 0.00 ? 9   DA  A N7     1 
ATOM   261 C C5     . DA  A 1 9  ? -10.581 7.786   0.203   1.00 0.00 ? 9   DA  A C5     1 
ATOM   262 C C6     . DA  A 1 9  ? -10.668 6.785   -0.787  1.00 0.00 ? 9   DA  A C6     1 
ATOM   263 N N6     . DA  A 1 9  ? -11.304 5.617   -0.835  1.00 0.00 ? 9   DA  A N6     1 
ATOM   264 N N1     . DA  A 1 9  ? -10.393 7.087   -2.065  1.00 0.00 ? 9   DA  A N1     1 
ATOM   265 C C2     . DA  A 1 9  ? -9.839  8.258   -2.337  1.00 0.00 ? 9   DA  A C2     1 
ATOM   266 N N3     . DA  A 1 9  ? -9.641  9.311   -1.496  1.00 0.00 ? 9   DA  A N3     1 
ATOM   267 C C4     . DA  A 1 9  ? -10.131 8.993   -0.266  1.00 0.00 ? 9   DA  A C4     1 
ATOM   268 H "H5'"  . DA  A 1 9  ? -7.056  12.983  2.761   1.00 0.00 ? 9   DA  A "H5'"  1 
ATOM   269 H "H5''" . DA  A 1 9  ? -7.950  14.519  3.104   1.00 0.00 ? 9   DA  A "H5''" 1 
ATOM   270 H "H4'"  . DA  A 1 9  ? -8.265  13.569  0.830   1.00 0.00 ? 9   DA  A "H4'"  1 
ATOM   271 H "H3'"  . DA  A 1 9  ? -10.612 13.977  2.536   1.00 0.00 ? 9   DA  A "H3'"  1 
ATOM   272 H "H2'"  . DA  A 1 9  ? -11.202 11.680  2.490   1.00 0.00 ? 9   DA  A "H2'"  1 
ATOM   273 H "H2''" . DA  A 1 9  ? -12.048 12.242  1.009   1.00 0.00 ? 9   DA  A "H2''" 1 
ATOM   274 H "H1'"  . DA  A 1 9  ? -10.183 11.584  -0.274  1.00 0.00 ? 9   DA  A "H1'"  1 
ATOM   275 H H8     . DA  A 1 9  ? -10.705 9.435   2.869   1.00 0.00 ? 9   DA  A H8     1 
ATOM   276 H H61    . DA  A 1 9  ? -11.203 5.269   -1.777  1.00 0.00 ? 9   DA  A H61    1 
ATOM   277 H H62    . DA  A 1 9  ? -11.784 5.199   -0.049  1.00 0.00 ? 9   DA  A H62    1 
ATOM   278 H H2     . DA  A 1 9  ? -9.674  8.467   -3.383  1.00 0.00 ? 9   DA  A H2     1 
ATOM   279 P P      . DC  A 1 10 ? -10.487 15.630  0.308   1.00 0.00 ? 10  DC  A P      1 
ATOM   280 O OP1    . DC  A 1 10 ? -9.275  16.061  0.958   1.00 0.00 ? 10  DC  A OP1    1 
ATOM   281 O OP2    . DC  A 1 10 ? -11.757 16.185  0.800   1.00 0.00 ? 10  DC  A OP2    1 
ATOM   282 O "O5'"  . DC  A 1 10 ? -10.418 15.837  -1.274  1.00 0.00 ? 10  DC  A "O5'"  1 
ATOM   283 C "C5'"  . DC  A 1 10 ? -9.267  15.514  -1.982  1.00 0.00 ? 10  DC  A "C5'"  1 
ATOM   284 C "C4'"  . DC  A 1 10 ? -9.491  14.718  -3.272  1.00 0.00 ? 10  DC  A "C4'"  1 
ATOM   285 O "O4'"  . DC  A 1 10 ? -9.749  13.384  -2.942  1.00 0.00 ? 10  DC  A "O4'"  1 
ATOM   286 C "C3'"  . DC  A 1 10 ? -10.724 15.268  -4.072  1.00 0.00 ? 10  DC  A "C3'"  1 
ATOM   287 O "O3'"  . DC  A 1 10 ? -10.322 15.281  -5.471  1.00 0.00 ? 10  DC  A "O3'"  1 
ATOM   288 C "C2'"  . DC  A 1 10 ? -11.751 14.280  -3.789  1.00 0.00 ? 10  DC  A "C2'"  1 
ATOM   289 C "C1'"  . DC  A 1 10 ? -10.949 12.970  -3.604  1.00 0.00 ? 10  DC  A "C1'"  1 
ATOM   290 N N1     . DC  A 1 10 ? -11.730 11.879  -3.025  1.00 0.00 ? 10  DC  A N1     1 
ATOM   291 C C2     . DC  A 1 10 ? -11.908 10.685  -3.712  1.00 0.00 ? 10  DC  A C2     1 
ATOM   292 O O2     . DC  A 1 10 ? -11.542 10.503  -4.893  1.00 0.00 ? 10  DC  A O2     1 
ATOM   293 N N3     . DC  A 1 10 ? -12.663 9.683   -3.090  1.00 0.00 ? 10  DC  A N3     1 
ATOM   294 C C4     . DC  A 1 10 ? -12.927 9.866   -1.796  1.00 0.00 ? 10  DC  A C4     1 
ATOM   295 N N4     . DC  A 1 10 ? -13.561 8.853   -1.352  1.00 0.00 ? 10  DC  A N4     1 
ATOM   296 C C5     . DC  A 1 10 ? -12.992 11.090  -1.169  1.00 0.00 ? 10  DC  A C5     1 
ATOM   297 C C6     . DC  A 1 10 ? -12.320 12.073  -1.798  1.00 0.00 ? 10  DC  A C6     1 
ATOM   298 H "H5'"  . DC  A 1 10 ? -8.633  14.919  -1.323  1.00 0.00 ? 10  DC  A "H5'"  1 
ATOM   299 H "H5''" . DC  A 1 10 ? -8.650  16.402  -2.117  1.00 0.00 ? 10  DC  A "H5''" 1 
ATOM   300 H "H4'"  . DC  A 1 10 ? -8.594  14.832  -3.882  1.00 0.00 ? 10  DC  A "H4'"  1 
ATOM   301 H "H3'"  . DC  A 1 10 ? -11.078 16.247  -3.750  1.00 0.00 ? 10  DC  A "H3'"  1 
ATOM   302 H "H2'"  . DC  A 1 10 ? -12.215 14.597  -2.855  1.00 0.00 ? 10  DC  A "H2'"  1 
ATOM   303 H "H2''" . DC  A 1 10 ? -12.506 14.256  -4.575  1.00 0.00 ? 10  DC  A "H2''" 1 
ATOM   304 H "H1'"  . DC  A 1 10 ? -10.665 12.691  -4.619  1.00 0.00 ? 10  DC  A "H1'"  1 
ATOM   305 H H41    . DC  A 1 10 ? -14.261 9.120   -0.674  1.00 0.00 ? 10  DC  A H41    1 
ATOM   306 H H42    . DC  A 1 10 ? -13.511 8.007   -1.899  1.00 0.00 ? 10  DC  A H42    1 
ATOM   307 H H5     . DC  A 1 10 ? -13.514 11.158  -0.227  1.00 0.00 ? 10  DC  A H5     1 
ATOM   308 H H6     . DC  A 1 10 ? -12.164 13.000  -1.263  1.00 0.00 ? 10  DC  A H6     1 
ATOM   309 P P      . DC  A 1 11 ? -11.190 15.912  -6.684  1.00 0.00 ? 11  DC  A P      1 
ATOM   310 O OP1    . DC  A 1 11 ? -10.394 15.910  -7.896  1.00 0.00 ? 11  DC  A OP1    1 
ATOM   311 O OP2    . DC  A 1 11 ? -11.715 17.209  -6.185  1.00 0.00 ? 11  DC  A OP2    1 
ATOM   312 O "O5'"  . DC  A 1 11 ? -12.400 14.952  -6.960  1.00 0.00 ? 11  DC  A "O5'"  1 
ATOM   313 C "C5'"  . DC  A 1 11 ? -12.107 13.660  -7.464  1.00 0.00 ? 11  DC  A "C5'"  1 
ATOM   314 C "C4'"  . DC  A 1 11 ? -13.304 12.706  -7.373  1.00 0.00 ? 11  DC  A "C4'"  1 
ATOM   315 O "O4'"  . DC  A 1 11 ? -13.572 12.456  -6.009  1.00 0.00 ? 11  DC  A "O4'"  1 
ATOM   316 C "C3'"  . DC  A 1 11 ? -14.618 13.315  -7.834  1.00 0.00 ? 11  DC  A "C3'"  1 
ATOM   317 O "O3'"  . DC  A 1 11 ? -15.122 12.713  -9.035  1.00 0.00 ? 11  DC  A "O3'"  1 
ATOM   318 C "C2'"  . DC  A 1 11 ? -15.553 13.149  -6.668  1.00 0.00 ? 11  DC  A "C2'"  1 
ATOM   319 C "C1'"  . DC  A 1 11 ? -14.897 12.122  -5.810  1.00 0.00 ? 11  DC  A "C1'"  1 
ATOM   320 N N1     . DC  A 1 11 ? -15.423 12.167  -4.384  1.00 0.00 ? 11  DC  A N1     1 
ATOM   321 C C2     . DC  A 1 11 ? -16.009 11.027  -3.856  1.00 0.00 ? 11  DC  A C2     1 
ATOM   322 O O2     . DC  A 1 11 ? -16.346 10.022  -4.532  1.00 0.00 ? 11  DC  A O2     1 
ATOM   323 N N3     . DC  A 1 11 ? -16.315 11.058  -2.492  1.00 0.00 ? 11  DC  A N3     1 
ATOM   324 C C4     . DC  A 1 11 ? -16.194 12.191  -1.800  1.00 0.00 ? 11  DC  A C4     1 
ATOM   325 N N4     . DC  A 1 11 ? -16.419 12.161  -0.515  1.00 0.00 ? 11  DC  A N4     1 
ATOM   326 C C5     . DC  A 1 11 ? -15.638 13.380  -2.355  1.00 0.00 ? 11  DC  A C5     1 
ATOM   327 C C6     . DC  A 1 11 ? -15.232 13.316  -3.637  1.00 0.00 ? 11  DC  A C6     1 
ATOM   328 H "H5'"  . DC  A 1 11 ? -11.267 13.244  -6.907  1.00 0.00 ? 11  DC  A "H5'"  1 
ATOM   329 H "H5''" . DC  A 1 11 ? -11.852 13.759  -8.519  1.00 0.00 ? 11  DC  A "H5''" 1 
ATOM   330 H "H4'"  . DC  A 1 11 ? -13.055 11.772  -7.875  1.00 0.00 ? 11  DC  A "H4'"  1 
ATOM   331 H "H3'"  . DC  A 1 11 ? -14.548 14.368  -8.102  1.00 0.00 ? 11  DC  A "H3'"  1 
ATOM   332 H "HO3'" . DC  A 1 11 ? -15.558 11.908  -8.746  1.00 0.00 ? 11  DC  A "HO3'" 1 
ATOM   333 H "H2'"  . DC  A 1 11 ? -15.599 14.067  -6.081  1.00 0.00 ? 11  DC  A "H2'"  1 
ATOM   334 H "H2''" . DC  A 1 11 ? -16.575 12.876  -6.922  1.00 0.00 ? 11  DC  A "H2''" 1 
ATOM   335 H "H1'"  . DC  A 1 11 ? -15.033 11.111  -6.194  1.00 0.00 ? 11  DC  A "H1'"  1 
ATOM   336 H H41    . DC  A 1 11 ? -16.126 12.937  0.060   1.00 0.00 ? 11  DC  A H41    1 
ATOM   337 H H42    . DC  A 1 11 ? -16.764 11.271  -0.180  1.00 0.00 ? 11  DC  A H42    1 
ATOM   338 H H5     . DC  A 1 11 ? -15.435 14.295  -1.820  1.00 0.00 ? 11  DC  A H5     1 
ATOM   339 H H6     . DC  A 1 11 ? -14.769 14.214  -4.020  1.00 0.00 ? 11  DC  A H6     1 
ATOM   340 O "O5'"  . DG  B 2 1  ? -20.079 0.335   -1.543  1.00 0.00 ? 12  DG  B "O5'"  1 
ATOM   341 C "C5'"  . DG  B 2 1  ? -18.992 -0.073  -2.308  1.00 0.00 ? 12  DG  B "C5'"  1 
ATOM   342 C "C4'"  . DG  B 2 1  ? -19.200 0.294   -3.775  1.00 0.00 ? 12  DG  B "C4'"  1 
ATOM   343 O "O4'"  . DG  B 2 1  ? -19.746 1.576   -3.894  1.00 0.00 ? 12  DG  B "O4'"  1 
ATOM   344 C "C3'"  . DG  B 2 1  ? -18.031 0.316   -4.685  1.00 0.00 ? 12  DG  B "C3'"  1 
ATOM   345 O "O3'"  . DG  B 2 1  ? -18.474 0.005   -6.041  1.00 0.00 ? 12  DG  B "O3'"  1 
ATOM   346 C "C2'"  . DG  B 2 1  ? -17.564 1.720   -4.562  1.00 0.00 ? 12  DG  B "C2'"  1 
ATOM   347 C "C1'"  . DG  B 2 1  ? -18.768 2.551   -4.193  1.00 0.00 ? 12  DG  B "C1'"  1 
ATOM   348 N N9     . DG  B 2 1  ? -18.427 3.587   -3.128  1.00 0.00 ? 12  DG  B N9     1 
ATOM   349 C C8     . DG  B 2 1  ? -18.308 3.387   -1.791  1.00 0.00 ? 12  DG  B C8     1 
ATOM   350 N N7     . DG  B 2 1  ? -17.658 4.375   -1.249  1.00 0.00 ? 12  DG  B N7     1 
ATOM   351 C C5     . DG  B 2 1  ? -17.505 5.348   -2.241  1.00 0.00 ? 12  DG  B C5     1 
ATOM   352 C C6     . DG  B 2 1  ? -16.906 6.721   -2.192  1.00 0.00 ? 12  DG  B C6     1 
ATOM   353 O O6     . DG  B 2 1  ? -16.401 7.335   -1.256  1.00 0.00 ? 12  DG  B O6     1 
ATOM   354 N N1     . DG  B 2 1  ? -17.001 7.383   -3.441  1.00 0.00 ? 12  DG  B N1     1 
ATOM   355 C C2     . DG  B 2 1  ? -17.338 6.779   -4.557  1.00 0.00 ? 12  DG  B C2     1 
ATOM   356 N N2     . DG  B 2 1  ? -17.204 7.561   -5.550  1.00 0.00 ? 12  DG  B N2     1 
ATOM   357 N N3     . DG  B 2 1  ? -17.845 5.491   -4.646  1.00 0.00 ? 12  DG  B N3     1 
ATOM   358 C C4     . DG  B 2 1  ? -18.006 4.868   -3.440  1.00 0.00 ? 12  DG  B C4     1 
ATOM   359 H "H5'"  . DG  B 2 1  ? -18.866 -1.149  -2.169  1.00 0.00 ? 12  DG  B "H5'"  1 
ATOM   360 H "H5''" . DG  B 2 1  ? -18.076 0.404   -1.962  1.00 0.00 ? 12  DG  B "H5''" 1 
ATOM   361 H "H4'"  . DG  B 2 1  ? -19.870 -0.439  -4.228  1.00 0.00 ? 12  DG  B "H4'"  1 
ATOM   362 H "H3'"  . DG  B 2 1  ? -17.236 -0.395  -4.460  1.00 0.00 ? 12  DG  B "H3'"  1 
ATOM   363 H "H2'"  . DG  B 2 1  ? -16.676 1.799   -3.936  1.00 0.00 ? 12  DG  B "H2'"  1 
ATOM   364 H "H2''" . DG  B 2 1  ? -17.266 2.103   -5.538  1.00 0.00 ? 12  DG  B "H2''" 1 
ATOM   365 H "H1'"  . DG  B 2 1  ? -18.947 3.152   -5.083  1.00 0.00 ? 12  DG  B "H1'"  1 
ATOM   366 H H8     . DG  B 2 1  ? -18.552 2.457   -1.301  1.00 0.00 ? 12  DG  B H8     1 
ATOM   367 H H1     . DG  B 2 1  ? -16.666 8.335   -3.463  1.00 0.00 ? 12  DG  B H1     1 
ATOM   368 H H21    . DG  B 2 1  ? -17.300 7.180   -6.481  1.00 0.00 ? 12  DG  B H21    1 
ATOM   369 H H22    . DG  B 2 1  ? -16.865 8.489   -5.342  1.00 0.00 ? 12  DG  B H22    1 
ATOM   370 H "HO5'" . DG  B 2 1  ? -20.199 -0.286  -0.819  1.00 0.00 ? 12  DG  B "HO5'" 1 
ATOM   371 P P      . DG  B 2 2  ? -17.510 -0.493  -7.187  1.00 0.00 ? 13  DG  B P      1 
ATOM   372 O OP1    . DG  B 2 2  ? -18.320 -1.077  -8.244  1.00 0.00 ? 13  DG  B OP1    1 
ATOM   373 O OP2    . DG  B 2 2  ? -16.393 -1.307  -6.624  1.00 0.00 ? 13  DG  B OP2    1 
ATOM   374 O "O5'"  . DG  B 2 2  ? -16.943 0.957   -7.702  1.00 0.00 ? 13  DG  B "O5'"  1 
ATOM   375 C "C5'"  . DG  B 2 2  ? -17.524 1.728   -8.731  1.00 0.00 ? 13  DG  B "C5'"  1 
ATOM   376 C "C4'"  . DG  B 2 2  ? -16.596 2.829   -9.327  1.00 0.00 ? 13  DG  B "C4'"  1 
ATOM   377 O "O4'"  . DG  B 2 2  ? -16.429 3.805   -8.320  1.00 0.00 ? 13  DG  B "O4'"  1 
ATOM   378 C "C3'"  . DG  B 2 2  ? -15.148 2.373   -9.752  1.00 0.00 ? 13  DG  B "C3'"  1 
ATOM   379 O "O3'"  . DG  B 2 2  ? -14.814 3.160   -10.933 1.00 0.00 ? 13  DG  B "O3'"  1 
ATOM   380 C "C2'"  . DG  B 2 2  ? -14.299 2.753   -8.564  1.00 0.00 ? 13  DG  B "C2'"  1 
ATOM   381 C "C1'"  . DG  B 2 2  ? -15.061 4.016   -8.117  1.00 0.00 ? 13  DG  B "C1'"  1 
ATOM   382 N N9     . DG  B 2 2  ? -14.811 4.354   -6.677  1.00 0.00 ? 13  DG  B N9     1 
ATOM   383 C C8     . DG  B 2 2  ? -14.954 3.496   -5.605  1.00 0.00 ? 13  DG  B C8     1 
ATOM   384 N N7     . DG  B 2 2  ? -14.767 4.001   -4.465  1.00 0.00 ? 13  DG  B N7     1 
ATOM   385 C C5     . DG  B 2 2  ? -14.290 5.285   -4.769  1.00 0.00 ? 13  DG  B C5     1 
ATOM   386 C C6     . DG  B 2 2  ? -13.784 6.362   -3.984  1.00 0.00 ? 13  DG  B C6     1 
ATOM   387 O O6     . DG  B 2 2  ? -13.648 6.349   -2.741  1.00 0.00 ? 13  DG  B O6     1 
ATOM   388 N N1     . DG  B 2 2  ? -13.403 7.419   -4.697  1.00 0.00 ? 13  DG  B N1     1 
ATOM   389 C C2     . DG  B 2 2  ? -13.552 7.632   -6.021  1.00 0.00 ? 13  DG  B C2     1 
ATOM   390 N N2     . DG  B 2 2  ? -12.874 8.619   -6.498  1.00 0.00 ? 13  DG  B N2     1 
ATOM   391 N N3     . DG  B 2 2  ? -13.972 6.651   -6.853  1.00 0.00 ? 13  DG  B N3     1 
ATOM   392 C C4     . DG  B 2 2  ? -14.325 5.535   -6.159  1.00 0.00 ? 13  DG  B C4     1 
ATOM   393 H "H5'"  . DG  B 2 2  ? -18.432 2.226   -8.390  1.00 0.00 ? 13  DG  B "H5'"  1 
ATOM   394 H "H5''" . DG  B 2 2  ? -17.898 1.071   -9.515  1.00 0.00 ? 13  DG  B "H5''" 1 
ATOM   395 H "H4'"  . DG  B 2 2  ? -17.238 3.254   -10.098 1.00 0.00 ? 13  DG  B "H4'"  1 
ATOM   396 H "H3'"  . DG  B 2 2  ? -15.187 1.291   -9.894  1.00 0.00 ? 13  DG  B "H3'"  1 
ATOM   397 H "H2'"  . DG  B 2 2  ? -14.349 1.827   -7.993  1.00 0.00 ? 13  DG  B "H2'"  1 
ATOM   398 H "H2''" . DG  B 2 2  ? -13.242 2.861   -8.808  1.00 0.00 ? 13  DG  B "H2''" 1 
ATOM   399 H "H1'"  . DG  B 2 2  ? -14.732 4.835   -8.756  1.00 0.00 ? 13  DG  B "H1'"  1 
ATOM   400 H H8     . DG  B 2 2  ? -15.117 2.439   -5.760  1.00 0.00 ? 13  DG  B H8     1 
ATOM   401 H H1     . DG  B 2 2  ? -12.984 8.222   -4.248  1.00 0.00 ? 13  DG  B H1     1 
ATOM   402 H H21    . DG  B 2 2  ? -12.908 8.673   -7.505  1.00 0.00 ? 13  DG  B H21    1 
ATOM   403 H H22    . DG  B 2 2  ? -12.466 9.337   -5.915  1.00 0.00 ? 13  DG  B H22    1 
ATOM   404 P P      . DT  B 2 3  ? -13.612 2.903   -11.957 1.00 0.00 ? 14  DT  B P      1 
ATOM   405 O OP1    . DT  B 2 3  ? -13.806 3.593   -13.248 1.00 0.00 ? 14  DT  B OP1    1 
ATOM   406 O OP2    . DT  B 2 3  ? -13.316 1.484   -11.957 1.00 0.00 ? 14  DT  B OP2    1 
ATOM   407 O "O5'"  . DT  B 2 3  ? -12.546 3.707   -11.117 1.00 0.00 ? 14  DT  B "O5'"  1 
ATOM   408 C "C5'"  . DT  B 2 3  ? -12.641 5.121   -10.931 1.00 0.00 ? 14  DT  B "C5'"  1 
ATOM   409 C "C4'"  . DT  B 2 3  ? -11.439 5.695   -10.143 1.00 0.00 ? 14  DT  B "C4'"  1 
ATOM   410 O "O4'"  . DT  B 2 3  ? -11.650 5.580   -8.741  1.00 0.00 ? 14  DT  B "O4'"  1 
ATOM   411 C "C3'"  . DT  B 2 3  ? -10.133 5.068   -10.467 1.00 0.00 ? 14  DT  B "C3'"  1 
ATOM   412 O "O3'"  . DT  B 2 3  ? -9.236  5.931   -11.238 1.00 0.00 ? 14  DT  B "O3'"  1 
ATOM   413 C "C2'"  . DT  B 2 3  ? -9.596  4.706   -9.057  1.00 0.00 ? 14  DT  B "C2'"  1 
ATOM   414 C "C1'"  . DT  B 2 3  ? -10.415 5.578   -8.074  1.00 0.00 ? 14  DT  B "C1'"  1 
ATOM   415 N N1     . DT  B 2 3  ? -10.499 4.935   -6.702  1.00 0.00 ? 14  DT  B N1     1 
ATOM   416 C C2     . DT  B 2 3  ? -10.236 5.794   -5.626  1.00 0.00 ? 14  DT  B C2     1 
ATOM   417 O O2     . DT  B 2 3  ? -9.942  6.955   -5.687  1.00 0.00 ? 14  DT  B O2     1 
ATOM   418 N N3     . DT  B 2 3  ? -10.629 5.344   -4.408  1.00 0.00 ? 14  DT  B N3     1 
ATOM   419 C C4     . DT  B 2 3  ? -10.925 4.051   -4.126  1.00 0.00 ? 14  DT  B C4     1 
ATOM   420 O O4     . DT  B 2 3  ? -11.082 3.802   -2.888  1.00 0.00 ? 14  DT  B O4     1 
ATOM   421 C C5     . DT  B 2 3  ? -11.059 3.160   -5.295  1.00 0.00 ? 14  DT  B C5     1 
ATOM   422 C C7     . DT  B 2 3  ? -11.370 1.702   -5.116  1.00 0.00 ? 14  DT  B C7     1 
ATOM   423 C C6     . DT  B 2 3  ? -10.879 3.603   -6.554  1.00 0.00 ? 14  DT  B C6     1 
ATOM   424 H "H5'"  . DT  B 2 3  ? -13.617 5.299   -10.478 1.00 0.00 ? 14  DT  B "H5'"  1 
ATOM   425 H "H5''" . DT  B 2 3  ? -12.730 5.599   -11.908 1.00 0.00 ? 14  DT  B "H5''" 1 
ATOM   426 H "H4'"  . DT  B 2 3  ? -11.360 6.761   -10.356 1.00 0.00 ? 14  DT  B "H4'"  1 
ATOM   427 H "H3'"  . DT  B 2 3  ? -10.316 4.143   -11.012 1.00 0.00 ? 14  DT  B "H3'"  1 
ATOM   428 H "H2'"  . DT  B 2 3  ? -9.860  3.663   -8.886  1.00 0.00 ? 14  DT  B "H2'"  1 
ATOM   429 H "H2''" . DT  B 2 3  ? -8.517  4.862   -9.014  1.00 0.00 ? 14  DT  B "H2''" 1 
ATOM   430 H "H1'"  . DT  B 2 3  ? -9.858  6.516   -8.072  1.00 0.00 ? 14  DT  B "H1'"  1 
ATOM   431 H H3     . DT  B 2 3  ? -10.555 6.067   -3.707  1.00 0.00 ? 14  DT  B H3     1 
ATOM   432 H H71    . DT  B 2 3  ? -12.310 1.588   -4.577  1.00 0.00 ? 14  DT  B H71    1 
ATOM   433 H H72    . DT  B 2 3  ? -11.454 1.263   -6.110  1.00 0.00 ? 14  DT  B H72    1 
ATOM   434 H H73    . DT  B 2 3  ? -10.606 1.200   -4.521  1.00 0.00 ? 14  DT  B H73    1 
ATOM   435 H H6     . DT  B 2 3  ? -11.079 2.985   -7.417  1.00 0.00 ? 14  DT  B H6     1 
ATOM   436 P P      . DA  B 2 4  ? -7.733  5.715   -11.632 1.00 0.00 ? 15  DA  B P      1 
ATOM   437 O OP1    . DA  B 2 4  ? -7.520  6.813   -12.596 1.00 0.00 ? 15  DA  B OP1    1 
ATOM   438 O OP2    . DA  B 2 4  ? -7.581  4.307   -12.018 1.00 0.00 ? 15  DA  B OP2    1 
ATOM   439 O "O5'"  . DA  B 2 4  ? -6.924  5.946   -10.348 1.00 0.00 ? 15  DA  B "O5'"  1 
ATOM   440 C "C5'"  . DA  B 2 4  ? -6.698  7.325   -9.912  1.00 0.00 ? 15  DA  B "C5'"  1 
ATOM   441 C "C4'"  . DA  B 2 4  ? -6.197  7.466   -8.419  1.00 0.00 ? 15  DA  B "C4'"  1 
ATOM   442 O "O4'"  . DA  B 2 4  ? -6.987  6.700   -7.516  1.00 0.00 ? 15  DA  B "O4'"  1 
ATOM   443 C "C3'"  . DA  B 2 4  ? -4.731  7.174   -8.140  1.00 0.00 ? 15  DA  B "C3'"  1 
ATOM   444 O "O3'"  . DA  B 2 4  ? -4.023  8.369   -8.256  1.00 0.00 ? 15  DA  B "O3'"  1 
ATOM   445 C "C2'"  . DA  B 2 4  ? -4.825  6.683   -6.635  1.00 0.00 ? 15  DA  B "C2'"  1 
ATOM   446 C "C1'"  . DA  B 2 4  ? -6.316  6.797   -6.295  1.00 0.00 ? 15  DA  B "C1'"  1 
ATOM   447 N N9     . DA  B 2 4  ? -6.794  5.739   -5.306  1.00 0.00 ? 15  DA  B N9     1 
ATOM   448 C C8     . DA  B 2 4  ? -7.203  4.457   -5.520  1.00 0.00 ? 15  DA  B C8     1 
ATOM   449 N N7     . DA  B 2 4  ? -7.578  3.894   -4.494  1.00 0.00 ? 15  DA  B N7     1 
ATOM   450 C C5     . DA  B 2 4  ? -7.337  4.781   -3.468  1.00 0.00 ? 15  DA  B C5     1 
ATOM   451 C C6     . DA  B 2 4  ? -7.477  4.767   -2.099  1.00 0.00 ? 15  DA  B C6     1 
ATOM   452 N N6     . DA  B 2 4  ? -8.054  3.902   -1.332  1.00 0.00 ? 15  DA  B N6     1 
ATOM   453 N N1     . DA  B 2 4  ? -7.057  5.823   -1.365  1.00 0.00 ? 15  DA  B N1     1 
ATOM   454 C C2     . DA  B 2 4  ? -6.552  6.914   -1.985  1.00 0.00 ? 15  DA  B C2     1 
ATOM   455 N N3     . DA  B 2 4  ? -6.432  7.069   -3.298  1.00 0.00 ? 15  DA  B N3     1 
ATOM   456 C C4     . DA  B 2 4  ? -6.819  5.961   -3.948  1.00 0.00 ? 15  DA  B C4     1 
ATOM   457 H "H5'"  . DA  B 2 4  ? -7.676  7.799   -9.993  1.00 0.00 ? 15  DA  B "H5'"  1 
ATOM   458 H "H5''" . DA  B 2 4  ? -5.983  7.814   -10.573 1.00 0.00 ? 15  DA  B "H5''" 1 
ATOM   459 H "H4'"  . DA  B 2 4  ? -6.242  8.502   -8.085  1.00 0.00 ? 15  DA  B "H4'"  1 
ATOM   460 H "H3'"  . DA  B 2 4  ? -4.373  6.351   -8.758  1.00 0.00 ? 15  DA  B "H3'"  1 
ATOM   461 H "H2'"  . DA  B 2 4  ? -4.485  5.647   -6.613  1.00 0.00 ? 15  DA  B "H2'"  1 
ATOM   462 H "H2''" . DA  B 2 4  ? -4.273  7.331   -5.954  1.00 0.00 ? 15  DA  B "H2''" 1 
ATOM   463 H "H1'"  . DA  B 2 4  ? -6.517  7.724   -5.758  1.00 0.00 ? 15  DA  B "H1'"  1 
ATOM   464 H H8     . DA  B 2 4  ? -7.280  3.998   -6.494  1.00 0.00 ? 15  DA  B H8     1 
ATOM   465 H H61    . DA  B 2 4  ? -8.045  4.064   -0.336  1.00 0.00 ? 15  DA  B H61    1 
ATOM   466 H H62    . DA  B 2 4  ? -8.588  3.191   -1.811  1.00 0.00 ? 15  DA  B H62    1 
ATOM   467 H H2     . DA  B 2 4  ? -6.242  7.735   -1.356  1.00 0.00 ? 15  DA  B H2     1 
ATOM   468 P P      . DG  B 2 5  ? -2.495  8.501   -8.627  1.00 0.00 ? 16  DG  B P      1 
ATOM   469 O OP1    . DG  B 2 5  ? -2.336  9.887   -9.061  1.00 0.00 ? 16  DG  B OP1    1 
ATOM   470 O OP2    . DG  B 2 5  ? -2.177  7.439   -9.644  1.00 0.00 ? 16  DG  B OP2    1 
ATOM   471 O "O5'"  . DG  B 2 5  ? -1.655  8.248   -7.259  1.00 0.00 ? 16  DG  B "O5'"  1 
ATOM   472 C "C5'"  . DG  B 2 5  ? -1.603  9.306   -6.192  1.00 0.00 ? 16  DG  B "C5'"  1 
ATOM   473 C "C4'"  . DG  B 2 5  ? -1.331  8.786   -4.795  1.00 0.00 ? 16  DG  B "C4'"  1 
ATOM   474 O "O4'"  . DG  B 2 5  ? -2.499  8.056   -4.269  1.00 0.00 ? 16  DG  B "O4'"  1 
ATOM   475 C "C3'"  . DG  B 2 5  ? -0.182  7.868   -4.816  1.00 0.00 ? 16  DG  B "C3'"  1 
ATOM   476 O "O3'"  . DG  B 2 5  ? 0.663   8.025   -3.632  1.00 0.00 ? 16  DG  B "O3'"  1 
ATOM   477 C "C2'"  . DG  B 2 5  ? -0.800  6.513   -4.657  1.00 0.00 ? 16  DG  B "C2'"  1 
ATOM   478 C "C1'"  . DG  B 2 5  ? -1.961  6.864   -3.767  1.00 0.00 ? 16  DG  B "C1'"  1 
ATOM   479 N N9     . DG  B 2 5  ? -2.997  5.834   -3.488  1.00 0.00 ? 16  DG  B N9     1 
ATOM   480 C C8     . DG  B 2 5  ? -3.147  4.609   -4.021  1.00 0.00 ? 16  DG  B C8     1 
ATOM   481 N N7     . DG  B 2 5  ? -3.857  3.785   -3.318  1.00 0.00 ? 16  DG  B N7     1 
ATOM   482 C C5     . DG  B 2 5  ? -4.066  4.445   -2.113  1.00 0.00 ? 16  DG  B C5     1 
ATOM   483 C C6     . DG  B 2 5  ? -4.624  3.994   -0.882  1.00 0.00 ? 16  DG  B C6     1 
ATOM   484 O O6     . DG  B 2 5  ? -5.102  2.827   -0.643  1.00 0.00 ? 16  DG  B O6     1 
ATOM   485 N N1     . DG  B 2 5  ? -4.472  4.922   0.151   1.00 0.00 ? 16  DG  B N1     1 
ATOM   486 C C2     . DG  B 2 5  ? -3.904  6.151   -0.051  1.00 0.00 ? 16  DG  B C2     1 
ATOM   487 N N2     . DG  B 2 5  ? -3.944  6.945   0.974   1.00 0.00 ? 16  DG  B N2     1 
ATOM   488 N N3     . DG  B 2 5  ? -3.500  6.664   -1.186  1.00 0.00 ? 16  DG  B N3     1 
ATOM   489 C C4     . DG  B 2 5  ? -3.571  5.722   -2.226  1.00 0.00 ? 16  DG  B C4     1 
ATOM   490 H "H5'"  . DG  B 2 5  ? -2.531  9.878   -6.205  1.00 0.00 ? 16  DG  B "H5'"  1 
ATOM   491 H "H5''" . DG  B 2 5  ? -0.756  9.938   -6.455  1.00 0.00 ? 16  DG  B "H5''" 1 
ATOM   492 H "H4'"  . DG  B 2 5  ? -1.127  9.621   -4.124  1.00 0.00 ? 16  DG  B "H4'"  1 
ATOM   493 H "H3'"  . DG  B 2 5  ? 0.441   7.867   -5.711  1.00 0.00 ? 16  DG  B "H3'"  1 
ATOM   494 H "H2'"  . DG  B 2 5  ? -1.263  6.284   -5.618  1.00 0.00 ? 16  DG  B "H2'"  1 
ATOM   495 H "H2''" . DG  B 2 5  ? -0.246  5.669   -4.248  1.00 0.00 ? 16  DG  B "H2''" 1 
ATOM   496 H "H1'"  . DG  B 2 5  ? -1.452  7.081   -2.827  1.00 0.00 ? 16  DG  B "H1'"  1 
ATOM   497 H H8     . DG  B 2 5  ? -2.823  4.317   -5.009  1.00 0.00 ? 16  DG  B H8     1 
ATOM   498 H H1     . DG  B 2 5  ? -4.828  4.673   1.063   1.00 0.00 ? 16  DG  B H1     1 
ATOM   499 H H21    . DG  B 2 5  ? -3.544  7.848   0.765   1.00 0.00 ? 16  DG  B H21    1 
ATOM   500 H H22    . DG  B 2 5  ? -4.239  6.641   1.891   1.00 0.00 ? 16  DG  B H22    1 
ATOM   501 P P      . DC  B 2 6  ? 1.669   9.207   -3.404  1.00 0.00 ? 17  DC  B P      1 
ATOM   502 O OP1    . DC  B 2 6  ? 1.213   10.127  -2.374  1.00 0.00 ? 17  DC  B OP1    1 
ATOM   503 O OP2    . DC  B 2 6  ? 2.137   9.832   -4.671  1.00 0.00 ? 17  DC  B OP2    1 
ATOM   504 O "O5'"  . DC  B 2 6  ? 2.888   8.375   -2.723  1.00 0.00 ? 17  DC  B "O5'"  1 
ATOM   505 C "C5'"  . DC  B 2 6  ? 3.648   7.432   -3.374  1.00 0.00 ? 17  DC  B "C5'"  1 
ATOM   506 C "C4'"  . DC  B 2 6  ? 4.526   6.977   -2.280  1.00 0.00 ? 17  DC  B "C4'"  1 
ATOM   507 O "O4'"  . DC  B 2 6  ? 3.849   6.067   -1.423  1.00 0.00 ? 17  DC  B "O4'"  1 
ATOM   508 C "C3'"  . DC  B 2 6  ? 5.775   6.283   -2.828  1.00 0.00 ? 17  DC  B "C3'"  1 
ATOM   509 O "O3'"  . DC  B 2 6  ? 6.854   6.756   -2.029  1.00 0.00 ? 17  DC  B "O3'"  1 
ATOM   510 C "C2'"  . DC  B 2 6  ? 5.424   4.845   -2.608  1.00 0.00 ? 17  DC  B "C2'"  1 
ATOM   511 C "C1'"  . DC  B 2 6  ? 4.712   4.942   -1.270  1.00 0.00 ? 17  DC  B "C1'"  1 
ATOM   512 N N1     . DC  B 2 6  ? 4.122   3.634   -0.886  1.00 0.00 ? 17  DC  B N1     1 
ATOM   513 C C2     . DC  B 2 6  ? 2.804   3.255   -1.306  1.00 0.00 ? 17  DC  B C2     1 
ATOM   514 O O2     . DC  B 2 6  ? 1.996   4.087   -1.690  1.00 0.00 ? 17  DC  B O2     1 
ATOM   515 N N3     . DC  B 2 6  ? 2.444   1.981   -1.253  1.00 0.00 ? 17  DC  B N3     1 
ATOM   516 C C4     . DC  B 2 6  ? 3.240   1.049   -0.854  1.00 0.00 ? 17  DC  B C4     1 
ATOM   517 N N4     . DC  B 2 6  ? 2.944   -0.202  -0.958  1.00 0.00 ? 17  DC  B N4     1 
ATOM   518 C C5     . DC  B 2 6  ? 4.576   1.381   -0.438  1.00 0.00 ? 17  DC  B C5     1 
ATOM   519 C C6     . DC  B 2 6  ? 5.002   2.669   -0.542  1.00 0.00 ? 17  DC  B C6     1 
ATOM   520 H "H5'"  . DC  B 2 6  ? 4.243   7.880   -4.169  1.00 0.00 ? 17  DC  B "H5'"  1 
ATOM   521 H "H5''" . DC  B 2 6  ? 3.136   6.625   -3.896  1.00 0.00 ? 17  DC  B "H5''" 1 
ATOM   522 H "H4'"  . DC  B 2 6  ? 4.778   7.921   -1.798  1.00 0.00 ? 17  DC  B "H4'"  1 
ATOM   523 H "H3'"  . DC  B 2 6  ? 6.005   6.486   -3.873  1.00 0.00 ? 17  DC  B "H3'"  1 
ATOM   524 H "H2'"  . DC  B 2 6  ? 4.841   4.429   -3.430  1.00 0.00 ? 17  DC  B "H2'"  1 
ATOM   525 H "H2''" . DC  B 2 6  ? 6.340   4.254   -2.642  1.00 0.00 ? 17  DC  B "H2''" 1 
ATOM   526 H "H1'"  . DC  B 2 6  ? 5.473   5.239   -0.549  1.00 0.00 ? 17  DC  B "H1'"  1 
ATOM   527 H H41    . DC  B 2 6  ? 3.643   -0.836  -0.597  1.00 0.00 ? 17  DC  B H41    1 
ATOM   528 H H42    . DC  B 2 6  ? 1.999   -0.530  -1.096  1.00 0.00 ? 17  DC  B H42    1 
ATOM   529 H H5     . DC  B 2 6  ? 5.237   0.574   -0.157  1.00 0.00 ? 17  DC  B H5     1 
ATOM   530 H H6     . DC  B 2 6  ? 6.035   2.841   -0.279  1.00 0.00 ? 17  DC  B H6     1 
ATOM   531 P P      . DG  B 2 7  ? 8.408   6.379   -2.294  1.00 0.00 ? 18  DG  B P      1 
ATOM   532 O OP1    . DG  B 2 7  ? 9.230   7.433   -1.695  1.00 0.00 ? 18  DG  B OP1    1 
ATOM   533 O OP2    . DG  B 2 7  ? 8.660   6.091   -3.733  1.00 0.00 ? 18  DG  B OP2    1 
ATOM   534 O "O5'"  . DG  B 2 7  ? 8.680   5.017   -1.476  1.00 0.00 ? 18  DG  B "O5'"  1 
ATOM   535 C "C5'"  . DG  B 2 7  ? 8.906   5.011   -0.078  1.00 0.00 ? 18  DG  B "C5'"  1 
ATOM   536 C "C4'"  . DG  B 2 7  ? 9.355   3.621   0.390   1.00 0.00 ? 18  DG  B "C4'"  1 
ATOM   537 O "O4'"  . DG  B 2 7  ? 8.398   2.632   0.331   1.00 0.00 ? 18  DG  B "O4'"  1 
ATOM   538 C "C3'"  . DG  B 2 7  ? 10.448  2.991   -0.446  1.00 0.00 ? 18  DG  B "C3'"  1 
ATOM   539 O "O3'"  . DG  B 2 7  ? 11.756  3.360   -0.044  1.00 0.00 ? 18  DG  B "O3'"  1 
ATOM   540 C "C2'"  . DG  B 2 7  ? 10.302  1.490   -0.278  1.00 0.00 ? 18  DG  B "C2'"  1 
ATOM   541 C "C1'"  . DG  B 2 7  ? 8.797   1.332   -0.202  1.00 0.00 ? 18  DG  B "C1'"  1 
ATOM   542 N N9     . DG  B 2 7  ? 8.113   0.972   -1.456  1.00 0.00 ? 18  DG  B N9     1 
ATOM   543 C C8     . DG  B 2 7  ? 8.213   1.530   -2.714  1.00 0.00 ? 18  DG  B C8     1 
ATOM   544 N N7     . DG  B 2 7  ? 7.381   1.007   -3.620  1.00 0.00 ? 18  DG  B N7     1 
ATOM   545 C C5     . DG  B 2 7  ? 6.810   -0.097  -2.925  1.00 0.00 ? 18  DG  B C5     1 
ATOM   546 C C6     . DG  B 2 7  ? 5.919   -1.167  -3.275  1.00 0.00 ? 18  DG  B C6     1 
ATOM   547 O O6     . DG  B 2 7  ? 5.264   -1.280  -4.321  1.00 0.00 ? 18  DG  B O6     1 
ATOM   548 N N1     . DG  B 2 7  ? 5.688   -2.148  -2.275  1.00 0.00 ? 18  DG  B N1     1 
ATOM   549 C C2     . DG  B 2 7  ? 6.249   -2.035  -1.059  1.00 0.00 ? 18  DG  B C2     1 
ATOM   550 N N2     . DG  B 2 7  ? 5.618   -2.771  -0.118  1.00 0.00 ? 18  DG  B N2     1 
ATOM   551 N N3     . DG  B 2 7  ? 7.118   -1.117  -0.684  1.00 0.00 ? 18  DG  B N3     1 
ATOM   552 C C4     . DG  B 2 7  ? 7.351   -0.192  -1.674  1.00 0.00 ? 18  DG  B C4     1 
ATOM   553 H "H5'"  . DG  B 2 7  ? 8.077   5.439   0.482   1.00 0.00 ? 18  DG  B "H5'"  1 
ATOM   554 H "H5''" . DG  B 2 7  ? 9.725   5.710   0.084   1.00 0.00 ? 18  DG  B "H5''" 1 
ATOM   555 H "H4'"  . DG  B 2 7  ? 9.713   3.841   1.395   1.00 0.00 ? 18  DG  B "H4'"  1 
ATOM   556 H "H3'"  . DG  B 2 7  ? 10.277  3.187   -1.504  1.00 0.00 ? 18  DG  B "H3'"  1 
ATOM   557 H "H2'"  . DG  B 2 7  ? 10.749  0.824   -1.016  1.00 0.00 ? 18  DG  B "H2'"  1 
ATOM   558 H "H2''" . DG  B 2 7  ? 10.585  1.279   0.754   1.00 0.00 ? 18  DG  B "H2''" 1 
ATOM   559 H "H1'"  . DG  B 2 7  ? 8.640   0.531   0.521   1.00 0.00 ? 18  DG  B "H1'"  1 
ATOM   560 H H8     . DG  B 2 7  ? 8.822   2.401   -2.908  1.00 0.00 ? 18  DG  B H8     1 
ATOM   561 H H1     . DG  B 2 7  ? 5.142   -2.982  -2.436  1.00 0.00 ? 18  DG  B H1     1 
ATOM   562 H H21    . DG  B 2 7  ? 5.864   -2.571  0.841   1.00 0.00 ? 18  DG  B H21    1 
ATOM   563 H H22    . DG  B 2 7  ? 5.262   -3.682  -0.371  1.00 0.00 ? 18  DG  B H22    1 
ATOM   564 P P      . DA  B 2 8  ? 13.013  3.159   -1.032  1.00 0.00 ? 19  DA  B P      1 
ATOM   565 O OP1    . DA  B 2 8  ? 14.136  3.956   -0.524  1.00 0.00 ? 19  DA  B OP1    1 
ATOM   566 O OP2    . DA  B 2 8  ? 12.549  3.574   -2.381  1.00 0.00 ? 19  DA  B OP2    1 
ATOM   567 O "O5'"  . DA  B 2 8  ? 13.476  1.652   -1.028  1.00 0.00 ? 19  DA  B "O5'"  1 
ATOM   568 C "C5'"  . DA  B 2 8  ? 13.909  0.867   0.022   1.00 0.00 ? 19  DA  B "C5'"  1 
ATOM   569 C "C4'"  . DA  B 2 8  ? 14.140  -0.598  -0.268  1.00 0.00 ? 19  DA  B "C4'"  1 
ATOM   570 O "O4'"  . DA  B 2 8  ? 12.901  -1.341  -0.282  1.00 0.00 ? 19  DA  B "O4'"  1 
ATOM   571 C "C3'"  . DA  B 2 8  ? 14.942  -1.033  -1.591  1.00 0.00 ? 19  DA  B "C3'"  1 
ATOM   572 O "O3'"  . DA  B 2 8  ? 16.020  -2.015  -1.468  1.00 0.00 ? 19  DA  B "O3'"  1 
ATOM   573 C "C2'"  . DA  B 2 8  ? 13.853  -1.687  -2.378  1.00 0.00 ? 19  DA  B "C2'"  1 
ATOM   574 C "C1'"  . DA  B 2 8  ? 12.937  -2.283  -1.311  1.00 0.00 ? 19  DA  B "C1'"  1 
ATOM   575 N N9     . DA  B 2 8  ? 11.608  -2.720  -1.735  1.00 0.00 ? 19  DA  B N9     1 
ATOM   576 C C8     . DA  B 2 8  ? 10.994  -2.655  -2.974  1.00 0.00 ? 19  DA  B C8     1 
ATOM   577 N N7     . DA  B 2 8  ? 9.813   -3.307  -3.047  1.00 0.00 ? 19  DA  B N7     1 
ATOM   578 C C5     . DA  B 2 8  ? 9.795   -3.965  -1.798  1.00 0.00 ? 19  DA  B C5     1 
ATOM   579 C C6     . DA  B 2 8  ? 8.979   -4.994  -1.318  1.00 0.00 ? 19  DA  B C6     1 
ATOM   580 N N6     . DA  B 2 8  ? 8.022   -5.684  -1.904  1.00 0.00 ? 19  DA  B N6     1 
ATOM   581 N N1     . DA  B 2 8  ? 9.172   -5.438  -0.087  1.00 0.00 ? 19  DA  B N1     1 
ATOM   582 C C2     . DA  B 2 8  ? 10.134  -4.864  0.633   1.00 0.00 ? 19  DA  B C2     1 
ATOM   583 N N3     . DA  B 2 8  ? 11.040  -3.948  0.283   1.00 0.00 ? 19  DA  B N3     1 
ATOM   584 C C4     . DA  B 2 8  ? 10.810  -3.537  -0.982  1.00 0.00 ? 19  DA  B C4     1 
ATOM   585 H "H5'"  . DA  B 2 8  ? 13.040  0.945   0.678   1.00 0.00 ? 19  DA  B "H5'"  1 
ATOM   586 H "H5''" . DA  B 2 8  ? 14.823  1.291   0.438   1.00 0.00 ? 19  DA  B "H5''" 1 
ATOM   587 H "H4'"  . DA  B 2 8  ? 14.688  -1.007  0.581   1.00 0.00 ? 19  DA  B "H4'"  1 
ATOM   588 H "H3'"  . DA  B 2 8  ? 15.296  -0.191  -2.185  1.00 0.00 ? 19  DA  B "H3'"  1 
ATOM   589 H "H2'"  . DA  B 2 8  ? 13.320  -0.828  -2.788  1.00 0.00 ? 19  DA  B "H2'"  1 
ATOM   590 H "H2''" . DA  B 2 8  ? 14.227  -2.371  -3.138  1.00 0.00 ? 19  DA  B "H2''" 1 
ATOM   591 H "H1'"  . DA  B 2 8  ? 13.475  -3.152  -0.931  1.00 0.00 ? 19  DA  B "H1'"  1 
ATOM   592 H H8     . DA  B 2 8  ? 11.350  -2.000  -3.754  1.00 0.00 ? 19  DA  B H8     1 
ATOM   593 H H61    . DA  B 2 8  ? 7.574   -6.403  -1.355  1.00 0.00 ? 19  DA  B H61    1 
ATOM   594 H H62    . DA  B 2 8  ? 7.640   -5.333  -2.770  1.00 0.00 ? 19  DA  B H62    1 
ATOM   595 H H2     . DA  B 2 8  ? 10.337  -5.125  1.662   1.00 0.00 ? 19  DA  B H2     1 
ATOM   596 P P      . DT  B 2 9  ? 17.209  -1.693  -0.486  1.00 0.00 ? 20  DT  B P      1 
ATOM   597 O OP1    . DT  B 2 9  ? 17.342  -0.256  -0.267  1.00 0.00 ? 20  DT  B OP1    1 
ATOM   598 O OP2    . DT  B 2 9  ? 18.368  -2.484  -0.999  1.00 0.00 ? 20  DT  B OP2    1 
ATOM   599 O "O5'"  . DT  B 2 9  ? 17.035  -2.309  0.962   1.00 0.00 ? 20  DT  B "O5'"  1 
ATOM   600 C "C5'"  . DT  B 2 9  ? 16.803  -1.548  2.153   1.00 0.00 ? 20  DT  B "C5'"  1 
ATOM   601 C "C4'"  . DT  B 2 9  ? 16.394  -2.504  3.267   1.00 0.00 ? 20  DT  B "C4'"  1 
ATOM   602 O "O4'"  . DT  B 2 9  ? 15.249  -3.188  2.849   1.00 0.00 ? 20  DT  B "O4'"  1 
ATOM   603 C "C3'"  . DT  B 2 9  ? 17.523  -3.504  3.513   1.00 0.00 ? 20  DT  B "C3'"  1 
ATOM   604 O "O3'"  . DT  B 2 9  ? 17.758  -3.643  4.953   1.00 0.00 ? 20  DT  B "O3'"  1 
ATOM   605 C "C2'"  . DT  B 2 9  ? 16.914  -4.792  2.888   1.00 0.00 ? 20  DT  B "C2'"  1 
ATOM   606 C "C1'"  . DT  B 2 9  ? 15.413  -4.593  3.010   1.00 0.00 ? 20  DT  B "C1'"  1 
ATOM   607 N N1     . DT  B 2 9  ? 14.736  -5.325  1.935   1.00 0.00 ? 20  DT  B N1     1 
ATOM   608 C C2     . DT  B 2 9  ? 13.752  -6.239  2.308   1.00 0.00 ? 20  DT  B C2     1 
ATOM   609 O O2     . DT  B 2 9  ? 13.392  -6.455  3.470   1.00 0.00 ? 20  DT  B O2     1 
ATOM   610 N N3     . DT  B 2 9  ? 13.067  -6.858  1.283   1.00 0.00 ? 20  DT  B N3     1 
ATOM   611 C C4     . DT  B 2 9  ? 13.313  -6.647  -0.047  1.00 0.00 ? 20  DT  B C4     1 
ATOM   612 O O4     . DT  B 2 9  ? 12.601  -7.283  -0.823  1.00 0.00 ? 20  DT  B O4     1 
ATOM   613 C C5     . DT  B 2 9  ? 14.299  -5.654  -0.395  1.00 0.00 ? 20  DT  B C5     1 
ATOM   614 C C7     . DT  B 2 9  ? 14.623  -5.286  -1.878  1.00 0.00 ? 20  DT  B C7     1 
ATOM   615 C C6     . DT  B 2 9  ? 14.947  -5.038  0.617   1.00 0.00 ? 20  DT  B C6     1 
ATOM   616 H "H5'"  . DT  B 2 9  ? 15.974  -0.854  2.021   1.00 0.00 ? 20  DT  B "H5'"  1 
ATOM   617 H "H5''" . DT  B 2 9  ? 17.674  -0.953  2.428   1.00 0.00 ? 20  DT  B "H5''" 1 
ATOM   618 H "H4'"  . DT  B 2 9  ? 16.191  -1.918  4.162   1.00 0.00 ? 20  DT  B "H4'"  1 
ATOM   619 H "H3'"  . DT  B 2 9  ? 18.398  -3.252  2.915   1.00 0.00 ? 20  DT  B "H3'"  1 
ATOM   620 H "H2'"  . DT  B 2 9  ? 17.116  -4.749  1.819   1.00 0.00 ? 20  DT  B "H2'"  1 
ATOM   621 H "H2''" . DT  B 2 9  ? 17.237  -5.788  3.195   1.00 0.00 ? 20  DT  B "H2''" 1 
ATOM   622 H "H1'"  . DT  B 2 9  ? 15.124  -5.002  3.977   1.00 0.00 ? 20  DT  B "H1'"  1 
ATOM   623 H H3     . DT  B 2 9  ? 12.327  -7.499  1.530   1.00 0.00 ? 20  DT  B H3     1 
ATOM   624 H H71    . DT  B 2 9  ? 14.838  -6.216  -2.402  1.00 0.00 ? 20  DT  B H71    1 
ATOM   625 H H72    . DT  B 2 9  ? 13.740  -4.743  -2.213  1.00 0.00 ? 20  DT  B H72    1 
ATOM   626 H H73    . DT  B 2 9  ? 15.459  -4.591  -1.805  1.00 0.00 ? 20  DT  B H73    1 
ATOM   627 H H6     . DT  B 2 9  ? 15.690  -4.304  0.344   1.00 0.00 ? 20  DT  B H6     1 
ATOM   628 P P      . DG  B 2 10 ? 18.724  -4.708  5.619   1.00 0.00 ? 21  DG  B P      1 
ATOM   629 O OP1    . DG  B 2 10 ? 19.054  -4.142  6.949   1.00 0.00 ? 21  DG  B OP1    1 
ATOM   630 O OP2    . DG  B 2 10 ? 19.877  -4.906  4.701   1.00 0.00 ? 21  DG  B OP2    1 
ATOM   631 O "O5'"  . DG  B 2 10 ? 17.902  -6.059  5.864   1.00 0.00 ? 21  DG  B "O5'"  1 
ATOM   632 C "C5'"  . DG  B 2 10 ? 16.744  -6.104  6.688   1.00 0.00 ? 21  DG  B "C5'"  1 
ATOM   633 C "C4'"  . DG  B 2 10 ? 16.008  -7.387  6.352   1.00 0.00 ? 21  DG  B "C4'"  1 
ATOM   634 O "O4'"  . DG  B 2 10 ? 15.444  -7.400  5.000   1.00 0.00 ? 21  DG  B "O4'"  1 
ATOM   635 C "C3'"  . DG  B 2 10 ? 16.839  -8.661  6.576   1.00 0.00 ? 21  DG  B "C3'"  1 
ATOM   636 O "O3'"  . DG  B 2 10 ? 16.291  -9.340  7.760   1.00 0.00 ? 21  DG  B "O3'"  1 
ATOM   637 C "C2'"  . DG  B 2 10 ? 16.581  -9.349  5.206   1.00 0.00 ? 21  DG  B "C2'"  1 
ATOM   638 C "C1'"  . DG  B 2 10 ? 15.263  -8.848  4.740   1.00 0.00 ? 21  DG  B "C1'"  1 
ATOM   639 N N9     . DG  B 2 10 ? 14.974  -9.103  3.310   1.00 0.00 ? 21  DG  B N9     1 
ATOM   640 C C8     . DG  B 2 10 ? 15.710  -8.688  2.191   1.00 0.00 ? 21  DG  B C8     1 
ATOM   641 N N7     . DG  B 2 10 ? 15.202  -9.187  1.095   1.00 0.00 ? 21  DG  B N7     1 
ATOM   642 C C5     . DG  B 2 10 ? 14.135  -10.014 1.463   1.00 0.00 ? 21  DG  B C5     1 
ATOM   643 C C6     . DG  B 2 10 ? 13.244  -10.936 0.748   1.00 0.00 ? 21  DG  B C6     1 
ATOM   644 O O6     . DG  B 2 10 ? 13.300  -11.154 -0.497  1.00 0.00 ? 21  DG  B O6     1 
ATOM   645 N N1     . DG  B 2 10 ? 12.425  -11.614 1.501   1.00 0.00 ? 21  DG  B N1     1 
ATOM   646 C C2     . DG  B 2 10 ? 12.315  -11.424 2.829   1.00 0.00 ? 21  DG  B C2     1 
ATOM   647 N N2     . DG  B 2 10 ? 11.399  -12.208 3.430   1.00 0.00 ? 21  DG  B N2     1 
ATOM   648 N N3     . DG  B 2 10 ? 13.141  -10.710 3.597   1.00 0.00 ? 21  DG  B N3     1 
ATOM   649 C C4     . DG  B 2 10 ? 14.089  -10.066 2.819   1.00 0.00 ? 21  DG  B C4     1 
ATOM   650 H "H5'"  . DG  B 2 10 ? 16.136  -5.209  6.560   1.00 0.00 ? 21  DG  B "H5'"  1 
ATOM   651 H "H5''" . DG  B 2 10 ? 17.033  -6.114  7.738   1.00 0.00 ? 21  DG  B "H5''" 1 
ATOM   652 H "H4'"  . DG  B 2 10 ? 15.125  -7.500  6.982   1.00 0.00 ? 21  DG  B "H4'"  1 
ATOM   653 H "H3'"  . DG  B 2 10 ? 17.914  -8.580  6.745   1.00 0.00 ? 21  DG  B "H3'"  1 
ATOM   654 H "H2'"  . DG  B 2 10 ? 17.366  -9.152  4.476   1.00 0.00 ? 21  DG  B "H2'"  1 
ATOM   655 H "H2''" . DG  B 2 10 ? 16.457  -10.426 5.315   1.00 0.00 ? 21  DG  B "H2''" 1 
ATOM   656 H "H1'"  . DG  B 2 10 ? 14.399  -9.220  5.291   1.00 0.00 ? 21  DG  B "H1'"  1 
ATOM   657 H H8     . DG  B 2 10 ? 16.536  -7.992  2.181   1.00 0.00 ? 21  DG  B H8     1 
ATOM   658 H H1     . DG  B 2 10 ? 11.735  -12.128 0.972   1.00 0.00 ? 21  DG  B H1     1 
ATOM   659 H H21    . DG  B 2 10 ? 11.460  -12.355 4.426   1.00 0.00 ? 21  DG  B H21    1 
ATOM   660 H H22    . DG  B 2 10 ? 10.738  -12.736 2.878   1.00 0.00 ? 21  DG  B H22    1 
ATOM   661 P P      . DG  B 2 11 ? 16.759  -10.741 8.277   1.00 0.00 ? 22  DG  B P      1 
ATOM   662 O OP1    . DG  B 2 11 ? 16.651  -10.744 9.731   1.00 0.00 ? 22  DG  B OP1    1 
ATOM   663 O OP2    . DG  B 2 11 ? 18.062  -10.995 7.693   1.00 0.00 ? 22  DG  B OP2    1 
ATOM   664 O "O5'"  . DG  B 2 11 ? 15.766  -11.806 7.600   1.00 0.00 ? 22  DG  B "O5'"  1 
ATOM   665 C "C5'"  . DG  B 2 11 ? 14.408  -11.824 7.981   1.00 0.00 ? 22  DG  B "C5'"  1 
ATOM   666 C "C4'"  . DG  B 2 11 ? 13.550  -12.900 7.250   1.00 0.00 ? 22  DG  B "C4'"  1 
ATOM   667 O "O4'"  . DG  B 2 11 ? 13.720  -12.712 5.834   1.00 0.00 ? 22  DG  B "O4'"  1 
ATOM   668 C "C3'"  . DG  B 2 11 ? 13.990  -14.381 7.474   1.00 0.00 ? 22  DG  B "C3'"  1 
ATOM   669 O "O3'"  . DG  B 2 11 ? 13.044  -15.179 8.086   1.00 0.00 ? 22  DG  B "O3'"  1 
ATOM   670 C "C2'"  . DG  B 2 11 ? 14.345  -14.961 6.149   1.00 0.00 ? 22  DG  B "C2'"  1 
ATOM   671 C "C1'"  . DG  B 2 11 ? 13.648  -14.009 5.250   1.00 0.00 ? 22  DG  B "C1'"  1 
ATOM   672 N N9     . DG  B 2 11 ? 14.386  -14.082 3.908   1.00 0.00 ? 22  DG  B N9     1 
ATOM   673 C C8     . DG  B 2 11 ? 15.485  -13.362 3.497   1.00 0.00 ? 22  DG  B C8     1 
ATOM   674 N N7     . DG  B 2 11 ? 15.723  -13.350 2.201   1.00 0.00 ? 22  DG  B N7     1 
ATOM   675 C C5     . DG  B 2 11 ? 14.774  -14.268 1.708   1.00 0.00 ? 22  DG  B C5     1 
ATOM   676 C C6     . DG  B 2 11 ? 14.369  -14.583 0.362   1.00 0.00 ? 22  DG  B C6     1 
ATOM   677 O O6     . DG  B 2 11 ? 14.780  -14.357 -0.796  1.00 0.00 ? 22  DG  B O6     1 
ATOM   678 N N1     . DG  B 2 11 ? 13.241  -15.438 0.302   1.00 0.00 ? 22  DG  B N1     1 
ATOM   679 C C2     . DG  B 2 11 ? 12.666  -16.011 1.435   1.00 0.00 ? 22  DG  B C2     1 
ATOM   680 N N2     . DG  B 2 11 ? 11.654  -16.798 1.209   1.00 0.00 ? 22  DG  B N2     1 
ATOM   681 N N3     . DG  B 2 11 ? 12.932  -15.649 2.647   1.00 0.00 ? 22  DG  B N3     1 
ATOM   682 C C4     . DG  B 2 11 ? 13.969  -14.752 2.723   1.00 0.00 ? 22  DG  B C4     1 
ATOM   683 H "H5'"  . DG  B 2 11 ? 14.068  -10.793 7.879   1.00 0.00 ? 22  DG  B "H5'"  1 
ATOM   684 H "H5''" . DG  B 2 11 ? 14.370  -12.049 9.047   1.00 0.00 ? 22  DG  B "H5''" 1 
ATOM   685 H "H4'"  . DG  B 2 11 ? 12.512  -12.720 7.530   1.00 0.00 ? 22  DG  B "H4'"  1 
ATOM   686 H "H3'"  . DG  B 2 11 ? 14.839  -14.339 8.156   1.00 0.00 ? 22  DG  B "H3'"  1 
ATOM   687 H "HO3'" . DG  B 2 11 ? 13.519  -16.003 8.211   1.00 0.00 ? 22  DG  B "HO3'" 1 
ATOM   688 H "H2'"  . DG  B 2 11 ? 15.427  -14.881 6.046   1.00 0.00 ? 22  DG  B "H2'"  1 
ATOM   689 H "H2''" . DG  B 2 11 ? 13.947  -15.969 6.029   1.00 0.00 ? 22  DG  B "H2''" 1 
ATOM   690 H "H1'"  . DG  B 2 11 ? 12.647  -14.391 5.049   1.00 0.00 ? 22  DG  B "H1'"  1 
ATOM   691 H H8     . DG  B 2 11 ? 16.083  -12.711 4.119   1.00 0.00 ? 22  DG  B H8     1 
ATOM   692 H H1     . DG  B 2 11 ? 12.797  -15.460 -0.604  1.00 0.00 ? 22  DG  B H1     1 
ATOM   693 H H21    . DG  B 2 11 ? 11.002  -17.076 1.928   1.00 0.00 ? 22  DG  B H21    1 
ATOM   694 H H22    . DG  B 2 11 ? 11.326  -16.926 0.262   1.00 0.00 ? 22  DG  B H22    1 
HETATM 695 C C14    . 2QL C 3 .  ? 0.224   2.713   3.028   1.00 0.00 ? 101 2QL A C14    1 
HETATM 696 C C13    . 2QL C 3 .  ? -0.689  3.605   3.847   1.00 0.00 ? 101 2QL A C13    1 
HETATM 697 O O13    . 2QL C 3 .  ? 0.099   4.111   4.916   1.00 0.00 ? 101 2QL A O13    1 
HETATM 698 C C12    . 2QL C 3 .  ? -1.184  4.774   3.022   1.00 0.00 ? 101 2QL A C12    1 
HETATM 699 O O12    . 2QL C 3 .  ? -1.607  5.792   3.902   1.00 0.00 ? 101 2QL A O12    1 
HETATM 700 C C11    . 2QL C 3 .  ? -0.177  5.310   1.948   1.00 0.00 ? 101 2QL A C11    1 
HETATM 701 O O11    . 2QL C 3 .  ? -0.599  4.991   0.616   1.00 0.00 ? 101 2QL A O11    1 
HETATM 702 C C16    . 2QL C 3 .  ? 1.246   4.739   1.967   1.00 0.00 ? 101 2QL A C16    1 
HETATM 703 C C10    . 2QL C 3 .  ? 2.323   5.589   1.684   1.00 0.00 ? 101 2QL A C10    1 
HETATM 704 C C17    . 2QL C 3 .  ? 3.554   5.224   2.135   1.00 0.00 ? 101 2QL A C17    1 
HETATM 705 C C18    . 2QL C 3 .  ? 3.793   3.919   2.599   1.00 0.00 ? 101 2QL A C18    1 
HETATM 706 C C9     . 2QL C 3 .  ? 4.563   6.208   2.134   1.00 0.00 ? 101 2QL A C9     1 
HETATM 707 C C8     . 2QL C 3 .  ? 5.861   5.905   2.574   1.00 0.00 ? 101 2QL A C8     1 
HETATM 708 C C20    . 2QL C 3 .  ? 6.135   4.590   2.961   1.00 0.00 ? 101 2QL A C20    1 
HETATM 709 C C21    . 2QL C 3 .  ? 5.126   3.568   2.932   1.00 0.00 ? 101 2QL A C21    1 
HETATM 710 C C7     . 2QL C 3 .  ? 7.471   4.234   3.257   1.00 0.00 ? 101 2QL A C7     1 
HETATM 711 C C6     . 2QL C 3 .  ? 7.758   2.905   3.604   1.00 0.00 ? 101 2QL A C6     1 
HETATM 712 C C5     . 2QL C 3 .  ? 6.745   1.902   3.650   1.00 0.00 ? 101 2QL A C5     1 
HETATM 713 C C22    . 2QL C 3 .  ? 5.414   2.259   3.385   1.00 0.00 ? 101 2QL A C22    1 
HETATM 714 C C23    . 2QL C 3 .  ? 4.384   1.245   3.411   1.00 0.00 ? 101 2QL A C23    1 
HETATM 715 C C4     . 2QL C 3 .  ? 4.626   -0.069  3.933   1.00 0.00 ? 101 2QL A C4     1 
HETATM 716 C C3     . 2QL C 3 .  ? 3.657   -1.070  3.723   1.00 0.00 ? 101 2QL A C3     1 
HETATM 717 C C2     . 2QL C 3 .  ? 2.590   -0.803  2.843   1.00 0.00 ? 101 2QL A C2     1 
HETATM 718 C C1     . 2QL C 3 .  ? 2.319   0.486   2.425   1.00 0.00 ? 101 2QL A C1     1 
HETATM 719 C C24    . 2QL C 3 .  ? 3.128   1.575   2.817   1.00 0.00 ? 101 2QL A C24    1 
HETATM 720 C C19    . 2QL C 3 .  ? 2.799   2.934   2.568   1.00 0.00 ? 101 2QL A C19    1 
HETATM 721 C C15    . 2QL C 3 .  ? 1.423   3.401   2.367   1.00 0.00 ? 101 2QL A C15    1 
HETATM 722 H H14    . 2QL C 3 .  ? 0.651   1.958   3.689   1.00 0.00 ? 101 2QL A H14    1 
HETATM 723 H H13    . 2QL C 3 .  ? -1.511  2.947   4.131   1.00 0.00 ? 101 2QL A H13    1 
HETATM 724 H HO13   . 2QL C 3 .  ? 0.408   3.392   5.473   1.00 0.00 ? 101 2QL A HO13   1 
HETATM 725 H H12    . 2QL C 3 .  ? -2.097  4.485   2.502   1.00 0.00 ? 101 2QL A H12    1 
HETATM 726 H HO12   . 2QL C 3 .  ? -0.973  5.750   4.622   1.00 0.00 ? 101 2QL A HO12   1 
HETATM 727 H H11    . 2QL C 3 .  ? -0.123  6.392   2.076   1.00 0.00 ? 101 2QL A H11    1 
HETATM 728 H HO11   . 2QL C 3 .  ? -0.101  5.605   0.071   1.00 0.00 ? 101 2QL A HO11   1 
HETATM 729 H H10    . 2QL C 3 .  ? 2.191   6.628   1.419   1.00 0.00 ? 101 2QL A H10    1 
HETATM 730 H H9     . 2QL C 3 .  ? 4.256   7.228   1.957   1.00 0.00 ? 101 2QL A H9     1 
HETATM 731 H H8     . 2QL C 3 .  ? 6.611   6.682   2.612   1.00 0.00 ? 101 2QL A H8     1 
HETATM 732 H H7     . 2QL C 3 .  ? 8.331   4.861   3.073   1.00 0.00 ? 101 2QL A H7     1 
HETATM 733 H H6     . 2QL C 3 .  ? 8.793   2.608   3.691   1.00 0.00 ? 101 2QL A H6     1 
HETATM 734 H H5     . 2QL C 3 .  ? 7.044   0.891   3.881   1.00 0.00 ? 101 2QL A H5     1 
HETATM 735 H H4     . 2QL C 3 .  ? 5.545   -0.294  4.453   1.00 0.00 ? 101 2QL A H4     1 
HETATM 736 H H3     . 2QL C 3 .  ? 3.684   -2.109  4.017   1.00 0.00 ? 101 2QL A H3     1 
HETATM 737 H H2     . 2QL C 3 .  ? 2.037   -1.597  2.363   1.00 0.00 ? 101 2QL A H2     1 
HETATM 738 H H1     . 2QL C 3 .  ? 1.425   0.642   1.840   1.00 0.00 ? 101 2QL A H1     1 
# 
